data_1BA5
#
_entry.id   1BA5
#
_cell.length_a   1.000
_cell.length_b   1.000
_cell.length_c   1.000
_cell.angle_alpha   90.00
_cell.angle_beta   90.00
_cell.angle_gamma   90.00
#
_symmetry.space_group_name_H-M   'P 1'
#
_entity_poly.entity_id   1
_entity_poly.type   'polypeptide(L)'
_entity_poly.pdbx_seq_one_letter_code
;RKRQAWLWEEDKNLRSGVRKYGEGNWSKILLHYKFNNRTSVMLKDRWRTMKKL
;
_entity_poly.pdbx_strand_id   A
#
# COMPACT_ATOMS: atom_id res chain seq x y z
N ARG A 1 -1.82 19.49 -10.51
CA ARG A 1 -1.83 18.30 -11.37
C ARG A 1 -0.42 17.73 -11.50
N LYS A 2 0.18 17.84 -12.71
CA LYS A 2 1.53 17.34 -12.99
C LYS A 2 1.58 15.82 -12.82
N ARG A 3 1.71 15.34 -11.58
CA ARG A 3 1.78 13.92 -11.28
C ARG A 3 1.21 13.66 -9.89
N GLN A 4 0.12 12.89 -9.82
CA GLN A 4 -0.52 12.57 -8.55
C GLN A 4 0.34 11.58 -7.77
N ALA A 5 0.11 11.50 -6.46
CA ALA A 5 0.86 10.60 -5.59
C ALA A 5 0.08 10.36 -4.30
N TRP A 6 0.47 9.32 -3.55
CA TRP A 6 -0.17 8.99 -2.29
C TRP A 6 0.34 9.93 -1.19
N LEU A 7 -0.30 9.87 -0.01
CA LEU A 7 0.10 10.69 1.12
C LEU A 7 1.06 9.90 2.02
N TRP A 8 1.75 10.61 2.92
CA TRP A 8 2.75 10.02 3.80
C TRP A 8 2.20 8.83 4.58
N GLU A 9 1.03 8.98 5.20
CA GLU A 9 0.45 7.92 6.03
C GLU A 9 0.14 6.69 5.18
N GLU A 10 -0.48 6.90 4.01
CA GLU A 10 -0.85 5.79 3.13
C GLU A 10 0.39 4.99 2.70
N ASP A 11 1.45 5.70 2.30
CA ASP A 11 2.70 5.06 1.91
C ASP A 11 3.26 4.27 3.09
N LYS A 12 3.35 4.94 4.25
CA LYS A 12 3.86 4.33 5.47
C LYS A 12 3.08 3.07 5.81
N ASN A 13 1.74 3.14 5.68
CA ASN A 13 0.88 2.00 5.99
C ASN A 13 1.25 0.81 5.13
N LEU A 14 1.30 1.03 3.80
CA LEU A 14 1.63 -0.03 2.86
C LEU A 14 2.99 -0.62 3.20
N ARG A 15 4.04 0.21 3.17
CA ARG A 15 5.40 -0.23 3.42
C ARG A 15 5.51 -0.99 4.74
N SER A 16 5.07 -0.36 5.84
CA SER A 16 5.17 -0.95 7.16
C SER A 16 4.35 -2.24 7.28
N GLY A 17 3.21 -2.30 6.61
CA GLY A 17 2.34 -3.47 6.69
C GLY A 17 2.85 -4.61 5.83
N VAL A 18 2.92 -4.39 4.52
CA VAL A 18 3.31 -5.41 3.56
C VAL A 18 4.62 -6.09 3.96
N ARG A 19 5.62 -5.30 4.40
CA ARG A 19 6.94 -5.85 4.73
C ARG A 19 6.86 -6.91 5.84
N LYS A 20 5.90 -6.81 6.77
CA LYS A 20 5.81 -7.77 7.88
C LYS A 20 4.71 -8.81 7.64
N TYR A 21 3.66 -8.46 6.88
CA TYR A 21 2.57 -9.40 6.64
C TYR A 21 2.90 -10.32 5.47
N GLY A 22 3.22 -9.75 4.29
CA GLY A 22 3.56 -10.55 3.13
C GLY A 22 3.23 -9.79 1.84
N GLU A 23 4.01 -10.06 0.79
CA GLU A 23 3.83 -9.42 -0.51
C GLU A 23 2.76 -10.15 -1.32
N GLY A 24 1.57 -10.31 -0.74
CA GLY A 24 0.47 -11.01 -1.39
C GLY A 24 -0.64 -11.28 -0.38
N ASN A 25 -0.99 -10.26 0.42
CA ASN A 25 -2.02 -10.37 1.43
C ASN A 25 -2.64 -8.99 1.63
N TRP A 26 -3.03 -8.37 0.51
CA TRP A 26 -3.58 -7.02 0.48
C TRP A 26 -4.89 -6.93 1.26
N SER A 27 -5.64 -8.03 1.34
CA SER A 27 -6.89 -8.05 2.09
C SER A 27 -6.63 -7.69 3.55
N LYS A 28 -5.63 -8.35 4.16
CA LYS A 28 -5.28 -8.10 5.56
C LYS A 28 -4.77 -6.68 5.73
N ILE A 29 -3.98 -6.18 4.76
CA ILE A 29 -3.45 -4.83 4.79
C ILE A 29 -4.60 -3.83 4.89
N LEU A 30 -5.58 -3.96 3.99
CA LEU A 30 -6.73 -3.08 3.95
C LEU A 30 -7.54 -3.20 5.25
N LEU A 31 -7.57 -4.40 5.83
CA LEU A 31 -8.32 -4.65 7.07
C LEU A 31 -7.75 -3.82 8.22
N HIS A 32 -6.44 -3.92 8.45
CA HIS A 32 -5.80 -3.21 9.55
C HIS A 32 -5.60 -1.74 9.24
N TYR A 33 -4.73 -1.43 8.27
CA TYR A 33 -4.44 -0.06 7.91
C TYR A 33 -5.52 0.51 7.01
N LYS A 34 -5.86 1.79 7.20
CA LYS A 34 -6.85 2.47 6.39
C LYS A 34 -6.16 3.08 5.17
N PHE A 35 -6.92 3.27 4.08
CA PHE A 35 -6.38 3.82 2.85
C PHE A 35 -7.39 4.79 2.23
N ASN A 36 -6.98 5.50 1.18
CA ASN A 36 -7.84 6.47 0.50
C ASN A 36 -8.77 5.74 -0.47
N ASN A 37 -8.19 5.01 -1.44
CA ASN A 37 -8.98 4.29 -2.43
C ASN A 37 -8.18 3.09 -2.93
N ARG A 38 -7.78 2.21 -2.00
CA ARG A 38 -7.02 1.01 -2.33
C ARG A 38 -7.95 -0.20 -2.23
N THR A 39 -7.55 -1.31 -2.87
CA THR A 39 -8.32 -2.55 -2.84
C THR A 39 -7.37 -3.74 -2.78
N SER A 40 -6.59 -3.94 -3.86
CA SER A 40 -5.63 -5.04 -3.94
C SER A 40 -4.63 -4.76 -5.05
N VAL A 41 -5.14 -4.51 -6.26
CA VAL A 41 -4.30 -4.24 -7.42
C VAL A 41 -3.44 -3.00 -7.17
N MET A 42 -4.04 -1.94 -6.61
CA MET A 42 -3.33 -0.71 -6.33
C MET A 42 -2.19 -0.97 -5.35
N LEU A 43 -2.48 -1.67 -4.25
CA LEU A 43 -1.47 -1.98 -3.23
C LEU A 43 -0.32 -2.77 -3.86
N LYS A 44 -0.67 -3.83 -4.60
CA LYS A 44 0.32 -4.68 -5.26
C LYS A 44 1.20 -3.84 -6.19
N ASP A 45 0.57 -3.10 -7.10
CA ASP A 45 1.26 -2.27 -8.07
C ASP A 45 2.25 -1.34 -7.38
N ARG A 46 1.74 -0.45 -6.53
CA ARG A 46 2.55 0.55 -5.85
C ARG A 46 3.70 -0.11 -5.09
N TRP A 47 3.45 -1.24 -4.42
CA TRP A 47 4.50 -1.90 -3.67
C TRP A 47 5.64 -2.31 -4.60
N ARG A 48 5.30 -2.97 -5.72
CA ARG A 48 6.30 -3.40 -6.68
C ARG A 48 7.06 -2.19 -7.22
N THR A 49 6.34 -1.09 -7.51
CA THR A 49 6.96 0.13 -7.99
C THR A 49 7.99 0.63 -6.97
N MET A 50 7.61 0.65 -5.69
CA MET A 50 8.48 1.10 -4.63
C MET A 50 9.72 0.19 -4.55
N LYS A 51 9.49 -1.14 -4.60
CA LYS A 51 10.57 -2.12 -4.52
C LYS A 51 11.63 -1.85 -5.60
N LYS A 52 11.19 -1.70 -6.86
CA LYS A 52 12.12 -1.48 -7.96
C LYS A 52 12.60 -0.02 -7.99
N LEU A 53 12.00 0.85 -7.16
CA LEU A 53 12.34 2.27 -7.10
C LEU A 53 12.03 2.93 -8.44
N ARG A 1 7.39 19.44 -8.57
CA ARG A 1 6.24 20.26 -8.99
C ARG A 1 5.00 19.88 -8.18
N LYS A 2 4.54 18.63 -8.32
CA LYS A 2 3.39 18.09 -7.58
C LYS A 2 3.08 16.68 -8.10
N ARG A 3 2.48 15.85 -7.24
CA ARG A 3 2.13 14.49 -7.62
C ARG A 3 1.06 13.96 -6.66
N GLN A 4 -0.13 14.58 -6.70
CA GLN A 4 -1.23 14.18 -5.85
C GLN A 4 -1.75 12.81 -6.32
N ALA A 5 -1.36 11.74 -5.59
CA ALA A 5 -1.78 10.39 -5.93
C ALA A 5 -1.78 9.52 -4.68
N TRP A 6 -0.68 9.55 -3.91
CA TRP A 6 -0.55 8.77 -2.70
C TRP A 6 -0.01 9.62 -1.56
N LEU A 7 -0.56 9.44 -0.35
CA LEU A 7 -0.14 10.19 0.81
C LEU A 7 1.05 9.50 1.47
N TRP A 8 1.89 10.28 2.17
CA TRP A 8 3.05 9.75 2.86
C TRP A 8 2.61 8.71 3.89
N GLU A 9 1.45 8.94 4.52
CA GLU A 9 0.92 8.03 5.51
C GLU A 9 0.59 6.69 4.84
N GLU A 10 -0.14 6.75 3.73
CA GLU A 10 -0.52 5.54 3.00
C GLU A 10 0.73 4.77 2.58
N ASP A 11 1.75 5.48 2.10
CA ASP A 11 3.01 4.88 1.69
C ASP A 11 3.63 4.13 2.87
N LYS A 12 3.65 4.78 4.04
CA LYS A 12 4.20 4.18 5.26
C LYS A 12 3.37 2.93 5.64
N ASN A 13 2.04 3.08 5.64
CA ASN A 13 1.13 2.00 5.99
C ASN A 13 1.38 0.78 5.10
N LEU A 14 1.56 1.04 3.79
CA LEU A 14 1.79 -0.02 2.82
C LEU A 14 3.12 -0.70 3.12
N ARG A 15 4.18 0.08 3.28
CA ARG A 15 5.51 -0.45 3.52
C ARG A 15 5.54 -1.31 4.79
N SER A 16 5.09 -0.74 5.91
CA SER A 16 5.09 -1.45 7.18
C SER A 16 4.15 -2.66 7.13
N GLY A 17 2.95 -2.48 6.58
CA GLY A 17 1.97 -3.55 6.47
C GLY A 17 2.51 -4.71 5.66
N VAL A 18 2.89 -4.45 4.40
CA VAL A 18 3.40 -5.50 3.51
C VAL A 18 4.63 -6.16 4.13
N ARG A 19 5.48 -5.38 4.78
CA ARG A 19 6.69 -5.92 5.41
C ARG A 19 6.30 -6.88 6.54
N LYS A 20 5.27 -6.52 7.32
CA LYS A 20 4.83 -7.32 8.46
C LYS A 20 4.11 -8.59 7.99
N TYR A 21 3.01 -8.43 7.24
CA TYR A 21 2.22 -9.56 6.79
C TYR A 21 2.97 -10.37 5.73
N GLY A 22 3.68 -9.68 4.83
CA GLY A 22 4.44 -10.32 3.77
C GLY A 22 3.85 -9.95 2.41
N GLU A 23 4.69 -9.86 1.39
CA GLU A 23 4.25 -9.53 0.04
C GLU A 23 3.28 -10.62 -0.43
N GLY A 24 2.08 -10.20 -0.83
CA GLY A 24 1.03 -11.12 -1.25
C GLY A 24 -0.28 -10.74 -0.56
N ASN A 25 -0.17 -10.23 0.68
CA ASN A 25 -1.33 -9.79 1.44
C ASN A 25 -1.72 -8.40 0.96
N TRP A 26 -3.03 -8.18 0.70
CA TRP A 26 -3.53 -6.89 0.26
C TRP A 26 -4.79 -6.55 1.03
N SER A 27 -5.82 -7.39 0.89
CA SER A 27 -7.08 -7.19 1.61
C SER A 27 -6.82 -7.25 3.11
N LYS A 28 -6.11 -8.29 3.55
CA LYS A 28 -5.77 -8.48 4.95
C LYS A 28 -5.17 -7.20 5.52
N ILE A 29 -4.27 -6.56 4.75
CA ILE A 29 -3.62 -5.34 5.19
C ILE A 29 -4.66 -4.21 5.30
N LEU A 30 -5.45 -4.01 4.24
CA LEU A 30 -6.45 -2.95 4.21
C LEU A 30 -7.45 -3.08 5.37
N LEU A 31 -7.77 -4.32 5.76
CA LEU A 31 -8.71 -4.58 6.85
C LEU A 31 -8.18 -4.06 8.19
N HIS A 32 -6.89 -3.70 8.27
CA HIS A 32 -6.28 -3.24 9.52
C HIS A 32 -5.70 -1.84 9.34
N TYR A 33 -4.79 -1.68 8.38
CA TYR A 33 -4.16 -0.39 8.14
C TYR A 33 -5.15 0.58 7.49
N LYS A 34 -4.92 1.88 7.73
CA LYS A 34 -5.78 2.93 7.19
C LYS A 34 -5.44 3.17 5.73
N PHE A 35 -6.47 3.13 4.86
CA PHE A 35 -6.30 3.36 3.43
C PHE A 35 -7.58 3.95 2.86
N ASN A 36 -7.46 4.63 1.70
CA ASN A 36 -8.59 5.21 1.02
C ASN A 36 -9.15 4.19 0.02
N ASN A 37 -9.22 4.56 -1.28
CA ASN A 37 -9.73 3.67 -2.32
C ASN A 37 -8.59 2.84 -2.91
N ARG A 38 -7.74 2.27 -2.05
CA ARG A 38 -6.60 1.49 -2.49
C ARG A 38 -6.99 0.02 -2.55
N THR A 39 -7.55 -0.41 -3.67
CA THR A 39 -7.95 -1.80 -3.86
C THR A 39 -6.70 -2.68 -3.99
N SER A 40 -6.90 -4.00 -4.07
CA SER A 40 -5.82 -4.96 -4.17
C SER A 40 -4.85 -4.59 -5.30
N VAL A 41 -5.39 -4.09 -6.41
CA VAL A 41 -4.58 -3.71 -7.56
C VAL A 41 -3.66 -2.55 -7.20
N MET A 42 -4.23 -1.48 -6.63
CA MET A 42 -3.48 -0.30 -6.24
C MET A 42 -2.40 -0.66 -5.22
N LEU A 43 -2.75 -1.47 -4.22
CA LEU A 43 -1.83 -1.87 -3.18
C LEU A 43 -0.60 -2.56 -3.78
N LYS A 44 -0.81 -3.61 -4.58
CA LYS A 44 0.30 -4.36 -5.16
C LYS A 44 1.05 -3.52 -6.18
N ASP A 45 0.34 -2.65 -6.93
CA ASP A 45 0.96 -1.81 -7.94
C ASP A 45 1.99 -0.89 -7.29
N ARG A 46 1.53 -0.12 -6.30
CA ARG A 46 2.39 0.82 -5.59
C ARG A 46 3.60 0.09 -5.02
N TRP A 47 3.37 -1.04 -4.35
CA TRP A 47 4.44 -1.81 -3.74
C TRP A 47 5.44 -2.28 -4.80
N ARG A 48 4.94 -2.79 -5.93
CA ARG A 48 5.80 -3.33 -6.97
C ARG A 48 6.74 -2.26 -7.52
N THR A 49 6.21 -1.11 -7.95
CA THR A 49 7.05 -0.05 -8.50
C THR A 49 8.02 0.45 -7.43
N MET A 50 7.57 0.53 -6.16
CA MET A 50 8.43 0.97 -5.08
C MET A 50 9.63 0.02 -4.95
N LYS A 51 9.43 -1.27 -5.27
CA LYS A 51 10.49 -2.25 -5.21
C LYS A 51 11.33 -2.20 -6.47
N LYS A 52 11.82 -1.00 -6.83
CA LYS A 52 12.67 -0.78 -7.98
C LYS A 52 12.06 -1.42 -9.24
N LEU A 53 10.84 -1.00 -9.59
CA LEU A 53 10.16 -1.50 -10.78
C LEU A 53 9.31 -0.38 -11.39
N ARG A 1 -8.20 17.53 -13.07
CA ARG A 1 -8.92 16.32 -12.64
C ARG A 1 -7.92 15.21 -12.31
N LYS A 2 -7.46 15.16 -11.05
CA LYS A 2 -6.51 14.15 -10.61
C LYS A 2 -6.49 14.08 -9.08
N ARG A 3 -7.69 14.01 -8.48
CA ARG A 3 -7.81 13.93 -7.02
C ARG A 3 -7.38 12.56 -6.53
N GLN A 4 -7.69 11.50 -7.30
CA GLN A 4 -7.33 10.15 -6.92
C GLN A 4 -5.81 9.99 -6.95
N ALA A 5 -5.20 9.97 -5.75
CA ALA A 5 -3.76 9.83 -5.62
C ALA A 5 -3.41 9.32 -4.22
N TRP A 6 -2.15 8.96 -4.03
CA TRP A 6 -1.66 8.46 -2.75
C TRP A 6 -1.06 9.62 -1.96
N LEU A 7 -0.84 9.41 -0.65
CA LEU A 7 -0.25 10.41 0.21
C LEU A 7 0.70 9.75 1.21
N TRP A 8 1.51 10.58 1.89
CA TRP A 8 2.55 10.11 2.80
C TRP A 8 2.05 9.03 3.78
N GLU A 9 0.83 9.20 4.34
CA GLU A 9 0.30 8.24 5.30
C GLU A 9 0.24 6.84 4.68
N GLU A 10 -0.52 6.67 3.59
CA GLU A 10 -0.67 5.38 2.95
C GLU A 10 0.68 4.84 2.49
N ASP A 11 1.51 5.68 1.86
CA ASP A 11 2.81 5.24 1.36
C ASP A 11 3.68 4.70 2.50
N LYS A 12 3.89 5.52 3.53
CA LYS A 12 4.70 5.14 4.68
C LYS A 12 4.13 3.89 5.33
N ASN A 13 2.82 3.90 5.59
CA ASN A 13 2.12 2.80 6.23
C ASN A 13 2.26 1.52 5.42
N LEU A 14 2.14 1.62 4.09
CA LEU A 14 2.23 0.46 3.21
C LEU A 14 3.49 -0.33 3.49
N ARG A 15 4.65 0.34 3.54
CA ARG A 15 5.93 -0.31 3.80
C ARG A 15 5.87 -1.06 5.13
N SER A 16 5.38 -0.39 6.18
CA SER A 16 5.27 -0.97 7.51
C SER A 16 4.32 -2.16 7.51
N GLY A 17 3.29 -2.12 6.64
CA GLY A 17 2.31 -3.18 6.58
C GLY A 17 2.83 -4.38 5.80
N VAL A 18 2.99 -4.19 4.48
CA VAL A 18 3.40 -5.26 3.57
C VAL A 18 4.59 -6.06 4.11
N ARG A 19 5.56 -5.40 4.77
CA ARG A 19 6.74 -6.10 5.26
C ARG A 19 6.38 -7.17 6.31
N LYS A 20 5.35 -6.94 7.14
CA LYS A 20 4.96 -7.90 8.18
C LYS A 20 3.75 -8.74 7.75
N TYR A 21 2.87 -8.17 6.91
CA TYR A 21 1.68 -8.88 6.45
C TYR A 21 2.05 -9.86 5.34
N GLY A 22 3.09 -9.51 4.55
CA GLY A 22 3.55 -10.36 3.46
C GLY A 22 2.88 -9.97 2.15
N GLU A 23 3.60 -10.14 1.03
CA GLU A 23 3.07 -9.82 -0.29
C GLU A 23 2.13 -10.94 -0.76
N GLY A 24 0.94 -11.00 -0.16
CA GLY A 24 -0.04 -12.02 -0.51
C GLY A 24 -1.43 -11.59 -0.06
N ASN A 25 -1.65 -11.51 1.24
CA ASN A 25 -2.96 -11.13 1.79
C ASN A 25 -3.11 -9.61 1.79
N TRP A 26 -3.21 -9.02 0.58
CA TRP A 26 -3.41 -7.58 0.43
C TRP A 26 -4.76 -7.20 1.03
N SER A 27 -5.70 -8.15 1.06
CA SER A 27 -7.01 -7.94 1.62
C SER A 27 -6.89 -7.51 3.07
N LYS A 28 -6.25 -8.35 3.91
CA LYS A 28 -6.07 -8.06 5.33
C LYS A 28 -5.44 -6.68 5.51
N ILE A 29 -4.35 -6.41 4.77
CA ILE A 29 -3.64 -5.13 4.85
C ILE A 29 -4.64 -3.98 4.69
N LEU A 30 -5.44 -4.03 3.63
CA LEU A 30 -6.42 -2.99 3.35
C LEU A 30 -7.52 -2.98 4.43
N LEU A 31 -7.87 -4.17 4.93
CA LEU A 31 -8.95 -4.32 5.91
C LEU A 31 -8.65 -3.59 7.22
N HIS A 32 -7.46 -3.79 7.80
CA HIS A 32 -7.15 -3.22 9.11
C HIS A 32 -5.70 -2.76 9.23
N TYR A 33 -5.28 -1.79 8.42
CA TYR A 33 -3.94 -1.24 8.53
C TYR A 33 -3.86 0.13 7.84
N LYS A 34 -4.76 1.06 8.23
CA LYS A 34 -4.78 2.44 7.72
C LYS A 34 -4.74 2.48 6.18
N PHE A 35 -5.91 2.54 5.57
CA PHE A 35 -6.02 2.64 4.11
C PHE A 35 -7.33 3.31 3.74
N ASN A 36 -7.30 4.12 2.67
CA ASN A 36 -8.47 4.84 2.19
C ASN A 36 -9.06 4.08 0.99
N ASN A 37 -9.42 4.80 -0.08
CA ASN A 37 -10.01 4.18 -1.27
C ASN A 37 -8.90 3.58 -2.13
N ARG A 38 -8.21 2.55 -1.60
CA ARG A 38 -7.15 1.85 -2.32
C ARG A 38 -7.62 0.43 -2.62
N THR A 39 -6.89 -0.27 -3.50
CA THR A 39 -7.24 -1.63 -3.89
C THR A 39 -5.98 -2.49 -3.94
N SER A 40 -6.14 -3.82 -3.82
CA SER A 40 -5.04 -4.77 -3.84
C SER A 40 -4.13 -4.49 -5.06
N VAL A 41 -4.75 -4.23 -6.22
CA VAL A 41 -4.01 -3.95 -7.45
C VAL A 41 -3.11 -2.73 -7.25
N MET A 42 -3.67 -1.65 -6.68
CA MET A 42 -2.91 -0.44 -6.45
C MET A 42 -1.77 -0.71 -5.46
N LEU A 43 -2.06 -1.45 -4.39
CA LEU A 43 -1.06 -1.79 -3.39
C LEU A 43 0.11 -2.51 -4.06
N LYS A 44 -0.20 -3.52 -4.88
CA LYS A 44 0.81 -4.31 -5.58
C LYS A 44 1.64 -3.41 -6.49
N ASP A 45 0.96 -2.69 -7.39
CA ASP A 45 1.63 -1.81 -8.35
C ASP A 45 2.57 -0.83 -7.64
N ARG A 46 2.04 -0.09 -6.67
CA ARG A 46 2.82 0.90 -5.95
C ARG A 46 4.01 0.24 -5.25
N TRP A 47 3.76 -0.84 -4.51
CA TRP A 47 4.81 -1.53 -3.77
C TRP A 47 5.90 -2.03 -4.72
N ARG A 48 5.51 -2.44 -5.94
CA ARG A 48 6.46 -2.97 -6.92
C ARG A 48 7.67 -2.03 -7.05
N THR A 49 7.41 -0.72 -7.23
CA THR A 49 8.47 0.26 -7.39
C THR A 49 8.92 0.78 -6.02
N MET A 50 7.97 1.03 -5.11
CA MET A 50 8.28 1.57 -3.79
C MET A 50 9.25 0.64 -3.03
N LYS A 51 9.26 -0.66 -3.40
CA LYS A 51 10.13 -1.65 -2.76
C LYS A 51 11.57 -1.11 -2.64
N LYS A 52 12.09 -0.46 -3.69
CA LYS A 52 13.45 0.08 -3.66
C LYS A 52 13.54 1.37 -4.49
N LEU A 53 12.38 2.00 -4.77
CA LEU A 53 12.26 3.21 -5.57
C LEU A 53 12.22 2.85 -7.05
N ARG A 1 3.74 9.73 -15.34
CA ARG A 1 3.88 10.52 -14.10
C ARG A 1 2.63 11.39 -13.88
N LYS A 2 1.53 10.75 -13.47
CA LYS A 2 0.28 11.46 -13.22
C LYS A 2 0.31 12.09 -11.83
N ARG A 3 -0.66 12.97 -11.56
CA ARG A 3 -0.75 13.64 -10.26
C ARG A 3 -1.46 12.73 -9.26
N GLN A 4 -1.94 13.31 -8.15
CA GLN A 4 -2.63 12.57 -7.10
C GLN A 4 -1.72 11.47 -6.55
N ALA A 5 -0.62 11.88 -5.90
CA ALA A 5 0.34 10.95 -5.33
C ALA A 5 -0.22 10.35 -4.04
N TRP A 6 0.54 9.43 -3.44
CA TRP A 6 0.13 8.78 -2.20
C TRP A 6 0.37 9.70 -1.01
N LEU A 7 -0.29 9.39 0.11
CA LEU A 7 -0.10 10.14 1.34
C LEU A 7 0.99 9.47 2.16
N TRP A 8 1.78 10.27 2.88
CA TRP A 8 2.89 9.75 3.69
C TRP A 8 2.39 8.63 4.61
N GLU A 9 1.18 8.79 5.16
CA GLU A 9 0.58 7.81 6.05
C GLU A 9 0.36 6.49 5.31
N GLU A 10 -0.23 6.56 4.11
CA GLU A 10 -0.49 5.37 3.30
C GLU A 10 0.83 4.67 2.96
N ASP A 11 1.80 5.42 2.41
CA ASP A 11 3.09 4.87 2.03
C ASP A 11 3.74 4.16 3.22
N LYS A 12 3.76 4.85 4.37
CA LYS A 12 4.35 4.30 5.58
C LYS A 12 3.67 3.00 5.98
N ASN A 13 2.34 3.04 6.09
CA ASN A 13 1.55 1.89 6.49
C ASN A 13 1.73 0.74 5.50
N LEU A 14 1.87 1.07 4.22
CA LEU A 14 2.05 0.08 3.18
C LEU A 14 3.41 -0.59 3.35
N ARG A 15 4.46 0.20 3.59
CA ARG A 15 5.81 -0.33 3.69
C ARG A 15 5.94 -1.17 4.96
N SER A 16 5.52 -0.61 6.10
CA SER A 16 5.59 -1.30 7.38
C SER A 16 4.67 -2.52 7.38
N GLY A 17 3.44 -2.35 6.91
CA GLY A 17 2.45 -3.40 6.88
C GLY A 17 2.93 -4.59 6.06
N VAL A 18 3.18 -4.36 4.76
CA VAL A 18 3.61 -5.43 3.86
C VAL A 18 4.88 -6.11 4.38
N ARG A 19 5.80 -5.33 4.97
CA ARG A 19 7.04 -5.88 5.50
C ARG A 19 6.73 -6.89 6.62
N LYS A 20 5.86 -6.50 7.56
CA LYS A 20 5.53 -7.35 8.70
C LYS A 20 4.66 -8.54 8.27
N TYR A 21 3.48 -8.25 7.69
CA TYR A 21 2.55 -9.30 7.30
C TYR A 21 3.15 -10.19 6.21
N GLY A 22 3.75 -9.59 5.18
CA GLY A 22 4.37 -10.33 4.09
C GLY A 22 3.89 -9.83 2.74
N GLU A 23 4.75 -9.98 1.71
CA GLU A 23 4.42 -9.56 0.35
C GLU A 23 3.59 -10.64 -0.32
N GLY A 24 2.27 -10.41 -0.42
CA GLY A 24 1.37 -11.36 -1.04
C GLY A 24 -0.07 -11.00 -0.72
N ASN A 25 -0.37 -10.79 0.57
CA ASN A 25 -1.71 -10.43 1.01
C ASN A 25 -1.94 -8.93 0.79
N TRP A 26 -3.16 -8.55 0.40
CA TRP A 26 -3.50 -7.15 0.14
C TRP A 26 -4.76 -6.76 0.92
N SER A 27 -5.80 -7.62 0.86
CA SER A 27 -7.05 -7.36 1.57
C SER A 27 -6.78 -7.20 3.06
N LYS A 28 -5.97 -8.11 3.62
CA LYS A 28 -5.61 -8.06 5.03
C LYS A 28 -4.93 -6.73 5.36
N ILE A 29 -4.01 -6.29 4.48
CA ILE A 29 -3.29 -5.04 4.68
C ILE A 29 -4.30 -3.88 4.73
N LEU A 30 -5.27 -3.89 3.80
CA LEU A 30 -6.28 -2.84 3.73
C LEU A 30 -7.15 -2.85 4.99
N LEU A 31 -7.57 -4.04 5.43
CA LEU A 31 -8.42 -4.17 6.61
C LEU A 31 -7.77 -3.48 7.82
N HIS A 32 -6.48 -3.75 8.05
CA HIS A 32 -5.77 -3.16 9.18
C HIS A 32 -5.46 -1.69 8.87
N TYR A 33 -4.69 -1.45 7.81
CA TYR A 33 -4.31 -0.10 7.42
C TYR A 33 -5.31 0.44 6.39
N LYS A 34 -6.27 1.24 6.86
CA LYS A 34 -7.29 1.81 6.01
C LYS A 34 -6.66 2.79 5.01
N PHE A 35 -6.81 2.49 3.71
CA PHE A 35 -6.29 3.35 2.65
C PHE A 35 -7.41 4.27 2.14
N ASN A 36 -7.09 5.14 1.17
CA ASN A 36 -8.06 6.07 0.62
C ASN A 36 -9.11 5.31 -0.18
N ASN A 37 -8.73 4.81 -1.37
CA ASN A 37 -9.62 4.05 -2.24
C ASN A 37 -8.77 3.11 -3.07
N ARG A 38 -7.97 2.29 -2.37
CA ARG A 38 -7.05 1.37 -3.02
C ARG A 38 -7.60 -0.06 -2.88
N THR A 39 -8.34 -0.50 -3.90
CA THR A 39 -8.99 -1.81 -3.89
C THR A 39 -8.03 -2.92 -4.30
N SER A 40 -7.17 -3.35 -3.35
CA SER A 40 -6.21 -4.46 -3.53
C SER A 40 -5.25 -4.26 -4.71
N VAL A 41 -5.76 -4.36 -5.95
CA VAL A 41 -4.95 -4.19 -7.14
C VAL A 41 -4.09 -2.93 -7.04
N MET A 42 -4.69 -1.83 -6.56
CA MET A 42 -3.98 -0.57 -6.40
C MET A 42 -2.76 -0.78 -5.49
N LEU A 43 -2.96 -1.46 -4.35
CA LEU A 43 -1.87 -1.71 -3.41
C LEU A 43 -0.78 -2.54 -4.09
N LYS A 44 -1.19 -3.61 -4.79
CA LYS A 44 -0.25 -4.50 -5.46
C LYS A 44 0.60 -3.74 -6.47
N ASP A 45 -0.03 -3.10 -7.44
CA ASP A 45 0.66 -2.39 -8.52
C ASP A 45 1.60 -1.31 -7.98
N ARG A 46 1.10 -0.49 -7.06
CA ARG A 46 1.89 0.61 -6.52
C ARG A 46 3.02 0.06 -5.65
N TRP A 47 2.76 -0.99 -4.86
CA TRP A 47 3.78 -1.59 -4.01
C TRP A 47 4.91 -2.12 -4.88
N ARG A 48 4.56 -2.79 -5.99
CA ARG A 48 5.53 -3.35 -6.92
C ARG A 48 6.55 -2.27 -7.31
N THR A 49 6.07 -1.08 -7.66
CA THR A 49 6.93 0.03 -8.03
C THR A 49 7.73 0.52 -6.82
N MET A 50 7.05 0.66 -5.67
CA MET A 50 7.69 1.13 -4.44
C MET A 50 8.75 0.13 -3.96
N LYS A 51 8.63 -1.14 -4.37
CA LYS A 51 9.58 -2.17 -4.00
C LYS A 51 10.92 -1.85 -4.66
N LYS A 52 10.88 -1.58 -5.98
CA LYS A 52 12.08 -1.25 -6.74
C LYS A 52 12.33 0.26 -6.62
N LEU A 53 12.62 0.72 -5.40
CA LEU A 53 12.89 2.13 -5.16
C LEU A 53 14.27 2.51 -5.73
N ARG A 1 -6.88 17.59 -9.57
CA ARG A 1 -6.48 16.24 -9.15
C ARG A 1 -7.04 15.18 -10.12
N LYS A 2 -6.60 15.24 -11.38
CA LYS A 2 -7.07 14.30 -12.41
C LYS A 2 -6.51 12.90 -12.14
N ARG A 3 -5.42 12.82 -11.36
CA ARG A 3 -4.79 11.54 -11.03
C ARG A 3 -4.09 11.66 -9.68
N GLN A 4 -4.73 11.14 -8.63
CA GLN A 4 -4.17 11.17 -7.29
C GLN A 4 -3.04 10.15 -7.20
N ALA A 5 -1.84 10.60 -6.80
CA ALA A 5 -0.69 9.72 -6.66
C ALA A 5 -0.85 8.87 -5.39
N TRP A 6 -0.02 9.12 -4.37
CA TRP A 6 -0.07 8.40 -3.11
C TRP A 6 0.28 9.35 -1.98
N LEU A 7 -0.36 9.19 -0.82
CA LEU A 7 -0.14 10.06 0.33
C LEU A 7 0.99 9.50 1.19
N TRP A 8 1.71 10.40 1.88
CA TRP A 8 2.80 10.04 2.76
C TRP A 8 2.35 8.99 3.78
N GLU A 9 1.12 9.14 4.29
CA GLU A 9 0.57 8.23 5.27
C GLU A 9 0.42 6.83 4.65
N GLU A 10 -0.03 6.77 3.40
CA GLU A 10 -0.21 5.50 2.71
C GLU A 10 1.15 4.85 2.48
N ASP A 11 2.15 5.65 2.09
CA ASP A 11 3.48 5.16 1.81
C ASP A 11 4.06 4.44 3.04
N LYS A 12 4.15 5.14 4.17
CA LYS A 12 4.73 4.57 5.38
C LYS A 12 3.83 3.46 5.95
N ASN A 13 2.50 3.65 5.93
CA ASN A 13 1.58 2.66 6.47
C ASN A 13 1.66 1.36 5.66
N LEU A 14 1.68 1.47 4.33
CA LEU A 14 1.76 0.32 3.46
C LEU A 14 3.11 -0.37 3.63
N ARG A 15 4.19 0.41 3.53
CA ARG A 15 5.54 -0.12 3.63
C ARG A 15 5.72 -0.92 4.93
N SER A 16 5.21 -0.41 6.06
CA SER A 16 5.35 -1.10 7.34
C SER A 16 4.43 -2.32 7.40
N GLY A 17 3.14 -2.12 7.10
CA GLY A 17 2.15 -3.19 7.14
C GLY A 17 2.56 -4.38 6.28
N VAL A 18 3.10 -4.10 5.08
CA VAL A 18 3.51 -5.14 4.15
C VAL A 18 4.55 -6.06 4.79
N ARG A 19 5.52 -5.49 5.51
CA ARG A 19 6.56 -6.29 6.16
C ARG A 19 5.97 -7.04 7.35
N LYS A 20 5.01 -6.43 8.06
CA LYS A 20 4.41 -7.02 9.23
C LYS A 20 3.62 -8.29 8.85
N TYR A 21 2.75 -8.19 7.84
CA TYR A 21 1.92 -9.32 7.42
C TYR A 21 2.60 -10.11 6.30
N GLY A 22 2.92 -9.43 5.18
CA GLY A 22 3.56 -10.07 4.03
C GLY A 22 2.91 -9.56 2.75
N GLU A 23 3.73 -9.13 1.78
CA GLU A 23 3.22 -8.60 0.51
C GLU A 23 2.36 -9.67 -0.17
N GLY A 24 1.42 -9.24 -1.03
CA GLY A 24 0.52 -10.15 -1.71
C GLY A 24 -0.75 -10.34 -0.89
N ASN A 25 -0.61 -10.39 0.44
CA ASN A 25 -1.76 -10.57 1.34
C ASN A 25 -2.43 -9.21 1.58
N TRP A 26 -2.79 -8.53 0.48
CA TRP A 26 -3.42 -7.22 0.54
C TRP A 26 -4.68 -7.28 1.39
N SER A 27 -5.52 -8.30 1.14
CA SER A 27 -6.76 -8.49 1.87
C SER A 27 -6.54 -8.40 3.38
N LYS A 28 -5.44 -8.98 3.86
CA LYS A 28 -5.13 -8.98 5.29
C LYS A 28 -4.57 -7.62 5.71
N ILE A 29 -3.63 -7.07 4.93
CA ILE A 29 -2.99 -5.80 5.25
C ILE A 29 -4.05 -4.69 5.41
N LEU A 30 -4.84 -4.46 4.35
CA LEU A 30 -5.83 -3.38 4.37
C LEU A 30 -6.92 -3.63 5.42
N LEU A 31 -7.09 -4.89 5.87
CA LEU A 31 -8.08 -5.22 6.89
C LEU A 31 -7.81 -4.39 8.14
N HIS A 32 -6.55 -4.38 8.60
CA HIS A 32 -6.16 -3.63 9.78
C HIS A 32 -5.77 -2.21 9.37
N TYR A 33 -4.85 -2.10 8.41
CA TYR A 33 -4.36 -0.81 7.94
C TYR A 33 -5.24 -0.30 6.80
N LYS A 34 -6.48 0.07 7.14
CA LYS A 34 -7.42 0.59 6.16
C LYS A 34 -6.91 1.91 5.60
N PHE A 35 -6.63 1.94 4.30
CA PHE A 35 -6.14 3.15 3.64
C PHE A 35 -7.32 4.07 3.30
N ASN A 36 -7.06 5.14 2.53
CA ASN A 36 -8.10 6.09 2.15
C ASN A 36 -9.13 5.42 1.26
N ASN A 37 -8.73 5.09 0.03
CA ASN A 37 -9.61 4.43 -0.93
C ASN A 37 -8.77 3.65 -1.92
N ARG A 38 -7.86 2.81 -1.40
CA ARG A 38 -6.98 2.01 -2.22
C ARG A 38 -7.67 0.72 -2.66
N THR A 39 -7.19 0.13 -3.75
CA THR A 39 -7.74 -1.11 -4.29
C THR A 39 -6.60 -2.11 -4.51
N SER A 40 -6.97 -3.39 -4.66
CA SER A 40 -6.00 -4.47 -4.84
C SER A 40 -5.04 -4.14 -5.98
N VAL A 41 -5.57 -3.71 -7.13
CA VAL A 41 -4.74 -3.40 -8.29
C VAL A 41 -3.74 -2.28 -7.96
N MET A 42 -4.20 -1.22 -7.27
CA MET A 42 -3.33 -0.10 -6.93
C MET A 42 -2.21 -0.59 -6.01
N LEU A 43 -2.57 -1.35 -4.97
CA LEU A 43 -1.61 -1.86 -4.01
C LEU A 43 -0.57 -2.73 -4.71
N LYS A 44 -1.03 -3.64 -5.59
CA LYS A 44 -0.14 -4.52 -6.33
C LYS A 44 0.86 -3.71 -7.16
N ASP A 45 0.33 -2.94 -8.12
CA ASP A 45 1.16 -2.16 -9.03
C ASP A 45 2.12 -1.25 -8.26
N ARG A 46 1.63 -0.60 -7.19
CA ARG A 46 2.46 0.30 -6.42
C ARG A 46 3.65 -0.44 -5.83
N TRP A 47 3.40 -1.48 -5.03
CA TRP A 47 4.47 -2.22 -4.37
C TRP A 47 5.43 -2.77 -5.42
N ARG A 48 4.91 -3.24 -6.56
CA ARG A 48 5.75 -3.77 -7.62
C ARG A 48 6.72 -2.68 -8.09
N THR A 49 6.20 -1.48 -8.36
CA THR A 49 7.03 -0.35 -8.82
C THR A 49 7.70 0.35 -7.64
N MET A 50 7.71 -0.27 -6.45
CA MET A 50 8.35 0.28 -5.27
C MET A 50 9.51 -0.63 -4.84
N LYS A 51 9.33 -1.95 -5.02
CA LYS A 51 10.34 -2.92 -4.66
C LYS A 51 11.28 -3.16 -5.84
N LYS A 52 10.70 -3.38 -7.04
CA LYS A 52 11.50 -3.64 -8.22
C LYS A 52 12.10 -2.33 -8.73
N LEU A 53 11.27 -1.29 -8.88
CA LEU A 53 11.71 0.01 -9.35
C LEU A 53 11.91 0.93 -8.15
N ARG A 1 -5.42 19.22 0.38
CA ARG A 1 -4.69 17.94 0.53
C ARG A 1 -4.59 17.24 -0.83
N LYS A 2 -3.76 16.20 -0.92
CA LYS A 2 -3.57 15.45 -2.15
C LYS A 2 -4.71 14.45 -2.35
N ARG A 3 -5.96 14.94 -2.25
CA ARG A 3 -7.16 14.13 -2.40
C ARG A 3 -7.03 12.85 -1.56
N GLN A 4 -6.81 11.70 -2.22
CA GLN A 4 -6.66 10.42 -1.55
C GLN A 4 -5.86 9.45 -2.43
N ALA A 5 -4.90 10.00 -3.19
CA ALA A 5 -4.07 9.20 -4.08
C ALA A 5 -3.03 8.43 -3.26
N TRP A 6 -1.92 9.11 -2.90
CA TRP A 6 -0.86 8.50 -2.12
C TRP A 6 -0.14 9.55 -1.28
N LEU A 7 -0.58 9.72 -0.04
CA LEU A 7 0.05 10.63 0.90
C LEU A 7 1.20 9.90 1.59
N TRP A 8 2.02 10.63 2.34
CA TRP A 8 3.15 10.03 3.06
C TRP A 8 2.65 8.95 4.01
N GLU A 9 1.52 9.21 4.68
CA GLU A 9 0.91 8.26 5.60
C GLU A 9 0.53 6.99 4.85
N GLU A 10 -0.24 7.14 3.77
CA GLU A 10 -0.70 6.01 2.97
C GLU A 10 0.48 5.16 2.48
N ASP A 11 1.54 5.82 1.98
CA ASP A 11 2.72 5.13 1.49
C ASP A 11 3.42 4.39 2.63
N LYS A 12 3.64 5.07 3.75
CA LYS A 12 4.29 4.49 4.92
C LYS A 12 3.54 3.22 5.35
N ASN A 13 2.21 3.32 5.44
CA ASN A 13 1.38 2.21 5.87
C ASN A 13 1.62 1.00 4.98
N LEU A 14 1.94 1.23 3.70
CA LEU A 14 2.17 0.16 2.75
C LEU A 14 3.49 -0.55 3.04
N ARG A 15 4.59 0.21 3.18
CA ARG A 15 5.89 -0.41 3.41
C ARG A 15 5.92 -1.09 4.77
N SER A 16 5.34 -0.46 5.79
CA SER A 16 5.32 -1.01 7.14
C SER A 16 4.40 -2.24 7.19
N GLY A 17 3.18 -2.10 6.66
CA GLY A 17 2.21 -3.19 6.68
C GLY A 17 2.73 -4.40 5.92
N VAL A 18 3.17 -4.20 4.67
CA VAL A 18 3.65 -5.29 3.83
C VAL A 18 4.84 -5.99 4.48
N ARG A 19 5.75 -5.23 5.11
CA ARG A 19 6.92 -5.83 5.74
C ARG A 19 6.52 -6.79 6.87
N LYS A 20 5.27 -6.70 7.35
CA LYS A 20 4.79 -7.57 8.42
C LYS A 20 3.87 -8.66 7.86
N TYR A 21 2.77 -8.26 7.22
CA TYR A 21 1.78 -9.19 6.69
C TYR A 21 2.28 -9.89 5.43
N GLY A 22 3.06 -9.18 4.60
CA GLY A 22 3.56 -9.73 3.35
C GLY A 22 2.60 -9.38 2.21
N GLU A 23 3.16 -8.97 1.06
CA GLU A 23 2.34 -8.59 -0.09
C GLU A 23 1.46 -9.77 -0.50
N GLY A 24 0.28 -9.46 -1.05
CA GLY A 24 -0.67 -10.47 -1.47
C GLY A 24 -1.84 -10.49 -0.49
N ASN A 25 -1.55 -10.35 0.81
CA ASN A 25 -2.58 -10.34 1.85
C ASN A 25 -3.22 -8.93 1.92
N TRP A 26 -3.58 -8.39 0.77
CA TRP A 26 -4.16 -7.05 0.67
C TRP A 26 -5.49 -7.00 1.43
N SER A 27 -6.27 -8.09 1.36
CA SER A 27 -7.55 -8.15 2.04
C SER A 27 -7.37 -7.93 3.55
N LYS A 28 -6.24 -8.39 4.10
CA LYS A 28 -5.95 -8.24 5.52
C LYS A 28 -5.35 -6.87 5.79
N ILE A 29 -4.31 -6.50 5.02
CA ILE A 29 -3.61 -5.24 5.19
C ILE A 29 -4.59 -4.06 5.15
N LEU A 30 -5.52 -4.06 4.18
CA LEU A 30 -6.49 -2.98 4.02
C LEU A 30 -7.30 -2.78 5.30
N LEU A 31 -7.67 -3.88 5.98
CA LEU A 31 -8.49 -3.82 7.17
C LEU A 31 -7.65 -3.43 8.40
N HIS A 32 -6.48 -4.06 8.55
CA HIS A 32 -5.62 -3.81 9.71
C HIS A 32 -5.02 -2.41 9.69
N TYR A 33 -4.29 -2.07 8.62
CA TYR A 33 -3.63 -0.78 8.52
C TYR A 33 -4.57 0.26 7.90
N LYS A 34 -4.18 1.54 8.03
CA LYS A 34 -4.99 2.66 7.54
C LYS A 34 -4.83 2.80 6.02
N PHE A 35 -5.93 2.61 5.29
CA PHE A 35 -5.95 2.76 3.84
C PHE A 35 -7.33 3.24 3.39
N ASN A 36 -7.42 3.67 2.13
CA ASN A 36 -8.67 4.13 1.54
C ASN A 36 -9.17 3.06 0.57
N ASN A 37 -9.88 3.44 -0.50
CA ASN A 37 -10.38 2.50 -1.49
C ASN A 37 -9.23 2.09 -2.42
N ARG A 38 -8.21 1.43 -1.86
CA ARG A 38 -7.06 0.99 -2.62
C ARG A 38 -7.32 -0.40 -3.21
N THR A 39 -7.28 -0.51 -4.54
CA THR A 39 -7.50 -1.77 -5.22
C THR A 39 -6.26 -2.66 -5.08
N SER A 40 -6.45 -3.98 -5.24
CA SER A 40 -5.35 -4.94 -5.14
C SER A 40 -4.22 -4.55 -6.09
N VAL A 41 -4.57 -4.22 -7.33
CA VAL A 41 -3.58 -3.86 -8.35
C VAL A 41 -2.82 -2.59 -7.93
N MET A 42 -3.52 -1.64 -7.29
CA MET A 42 -2.89 -0.39 -6.86
C MET A 42 -1.85 -0.70 -5.78
N LEU A 43 -2.22 -1.50 -4.79
CA LEU A 43 -1.32 -1.87 -3.71
C LEU A 43 -0.11 -2.63 -4.27
N LYS A 44 -0.38 -3.62 -5.12
CA LYS A 44 0.65 -4.45 -5.71
C LYS A 44 1.62 -3.60 -6.52
N ASP A 45 1.09 -2.70 -7.37
CA ASP A 45 1.92 -1.85 -8.21
C ASP A 45 2.73 -0.88 -7.35
N ARG A 46 2.06 -0.22 -6.39
CA ARG A 46 2.72 0.74 -5.52
C ARG A 46 3.89 0.07 -4.79
N TRP A 47 3.65 -1.13 -4.25
CA TRP A 47 4.68 -1.86 -3.54
C TRP A 47 5.79 -2.30 -4.51
N ARG A 48 5.40 -2.72 -5.73
CA ARG A 48 6.33 -3.17 -6.74
C ARG A 48 7.36 -2.07 -7.05
N THR A 49 6.88 -0.86 -7.35
CA THR A 49 7.77 0.25 -7.70
C THR A 49 8.59 0.69 -6.47
N MET A 50 8.11 0.38 -5.25
CA MET A 50 8.82 0.75 -4.03
C MET A 50 9.95 -0.26 -3.74
N LYS A 51 9.72 -1.54 -4.05
CA LYS A 51 10.71 -2.57 -3.80
C LYS A 51 12.03 -2.27 -4.53
N LYS A 52 11.95 -1.71 -5.73
CA LYS A 52 13.14 -1.37 -6.52
C LYS A 52 13.74 -0.04 -6.08
N LEU A 53 13.26 0.52 -4.95
CA LEU A 53 13.73 1.80 -4.44
C LEU A 53 13.57 2.87 -5.53
N ARG A 1 -0.50 24.57 -2.28
CA ARG A 1 -1.27 23.33 -2.03
C ARG A 1 -1.07 22.34 -3.18
N LYS A 2 0.05 21.61 -3.16
CA LYS A 2 0.35 20.64 -4.20
C LYS A 2 -0.46 19.36 -3.98
N ARG A 3 -0.22 18.69 -2.84
CA ARG A 3 -0.93 17.46 -2.48
C ARG A 3 -0.82 16.43 -3.62
N GLN A 4 0.33 15.74 -3.68
CA GLN A 4 0.57 14.73 -4.71
C GLN A 4 -0.32 13.50 -4.44
N ALA A 5 -0.27 12.53 -5.36
CA ALA A 5 -1.05 11.31 -5.22
C ALA A 5 -0.64 10.58 -3.94
N TRP A 6 -1.63 9.99 -3.23
CA TRP A 6 -1.41 9.26 -1.99
C TRP A 6 -0.85 10.23 -0.92
N LEU A 7 -0.60 9.70 0.29
CA LEU A 7 -0.08 10.50 1.39
C LEU A 7 1.13 9.80 2.00
N TRP A 8 1.92 10.54 2.78
CA TRP A 8 3.13 10.04 3.39
C TRP A 8 2.84 8.85 4.31
N GLU A 9 1.80 8.96 5.14
CA GLU A 9 1.46 7.90 6.08
C GLU A 9 0.96 6.66 5.34
N GLU A 10 0.35 6.84 4.15
CA GLU A 10 -0.14 5.73 3.36
C GLU A 10 1.05 4.95 2.78
N ASP A 11 2.03 5.66 2.22
CA ASP A 11 3.21 5.03 1.66
C ASP A 11 3.97 4.31 2.77
N LYS A 12 4.13 4.96 3.93
CA LYS A 12 4.80 4.36 5.07
C LYS A 12 4.03 3.11 5.51
N ASN A 13 2.71 3.23 5.59
CA ASN A 13 1.84 2.13 5.98
C ASN A 13 2.05 0.93 5.07
N LEU A 14 2.25 1.17 3.77
CA LEU A 14 2.45 0.10 2.80
C LEU A 14 3.64 -0.76 3.22
N ARG A 15 4.78 -0.12 3.54
CA ARG A 15 5.98 -0.84 3.93
C ARG A 15 5.72 -1.67 5.18
N SER A 16 5.19 -1.03 6.23
CA SER A 16 4.92 -1.71 7.50
C SER A 16 3.98 -2.90 7.29
N GLY A 17 2.83 -2.66 6.67
CA GLY A 17 1.82 -3.68 6.45
C GLY A 17 2.38 -4.86 5.66
N VAL A 18 2.97 -4.58 4.50
CA VAL A 18 3.51 -5.64 3.64
C VAL A 18 4.59 -6.44 4.37
N ARG A 19 5.50 -5.75 5.06
CA ARG A 19 6.59 -6.41 5.77
C ARG A 19 6.05 -7.34 6.85
N LYS A 20 4.97 -6.92 7.54
CA LYS A 20 4.40 -7.71 8.61
C LYS A 20 3.58 -8.88 8.06
N TYR A 21 2.54 -8.58 7.26
CA TYR A 21 1.68 -9.62 6.72
C TYR A 21 2.41 -10.40 5.61
N GLY A 22 2.60 -9.77 4.44
CA GLY A 22 3.28 -10.41 3.34
C GLY A 22 2.96 -9.69 2.03
N GLU A 23 3.79 -9.93 1.00
CA GLU A 23 3.62 -9.34 -0.31
C GLU A 23 2.48 -10.04 -1.05
N GLY A 24 1.24 -9.77 -0.63
CA GLY A 24 0.08 -10.39 -1.24
C GLY A 24 -1.16 -10.22 -0.36
N ASN A 25 -0.95 -10.02 0.96
CA ASN A 25 -2.06 -9.87 1.91
C ASN A 25 -2.61 -8.44 1.83
N TRP A 26 -3.02 -8.02 0.64
CA TRP A 26 -3.55 -6.68 0.42
C TRP A 26 -4.85 -6.48 1.20
N SER A 27 -5.68 -7.52 1.26
CA SER A 27 -6.95 -7.46 1.99
C SER A 27 -6.71 -7.06 3.44
N LYS A 28 -5.76 -7.73 4.11
CA LYS A 28 -5.44 -7.45 5.50
C LYS A 28 -4.95 -6.01 5.63
N ILE A 29 -3.93 -5.65 4.83
CA ILE A 29 -3.35 -4.32 4.84
C ILE A 29 -4.45 -3.26 4.73
N LEU A 30 -5.40 -3.46 3.79
CA LEU A 30 -6.50 -2.54 3.59
C LEU A 30 -7.32 -2.42 4.88
N LEU A 31 -7.76 -3.55 5.42
CA LEU A 31 -8.61 -3.57 6.60
C LEU A 31 -7.82 -3.33 7.90
N HIS A 32 -6.62 -2.70 7.82
CA HIS A 32 -5.83 -2.45 9.02
C HIS A 32 -5.05 -1.14 8.89
N TYR A 33 -4.11 -1.06 7.95
CA TYR A 33 -3.23 0.09 7.82
C TYR A 33 -3.84 1.20 6.95
N LYS A 34 -4.96 1.77 7.40
CA LYS A 34 -5.58 2.91 6.72
C LYS A 34 -5.94 2.55 5.27
N PHE A 35 -5.51 3.39 4.31
CA PHE A 35 -5.79 3.24 2.88
C PHE A 35 -7.28 3.50 2.59
N ASN A 36 -7.58 3.84 1.34
CA ASN A 36 -8.94 4.16 0.91
C ASN A 36 -9.61 2.90 0.37
N ASN A 37 -10.64 3.06 -0.48
CA ASN A 37 -11.36 1.94 -1.05
C ASN A 37 -10.56 1.33 -2.21
N ARG A 38 -9.34 0.86 -1.92
CA ARG A 38 -8.49 0.23 -2.90
C ARG A 38 -8.85 -1.26 -2.97
N THR A 39 -7.96 -2.11 -3.50
CA THR A 39 -8.24 -3.54 -3.60
C THR A 39 -6.94 -4.34 -3.45
N SER A 40 -6.24 -4.58 -4.57
CA SER A 40 -5.02 -5.38 -4.55
C SER A 40 -4.03 -4.83 -5.58
N VAL A 41 -4.46 -4.76 -6.85
CA VAL A 41 -3.62 -4.29 -7.93
C VAL A 41 -3.11 -2.87 -7.63
N MET A 42 -3.92 -2.05 -6.94
CA MET A 42 -3.55 -0.69 -6.60
C MET A 42 -2.35 -0.70 -5.66
N LEU A 43 -2.46 -1.43 -4.55
CA LEU A 43 -1.39 -1.53 -3.57
C LEU A 43 -0.17 -2.19 -4.21
N LYS A 44 -0.39 -3.21 -5.03
CA LYS A 44 0.68 -3.92 -5.71
C LYS A 44 1.46 -2.95 -6.60
N ASP A 45 0.75 -2.14 -7.40
CA ASP A 45 1.39 -1.20 -8.31
C ASP A 45 2.27 -0.21 -7.55
N ARG A 46 1.84 0.17 -6.35
CA ARG A 46 2.61 1.09 -5.52
C ARG A 46 3.82 0.35 -4.94
N TRP A 47 3.61 -0.91 -4.53
CA TRP A 47 4.65 -1.71 -3.89
C TRP A 47 5.80 -1.99 -4.84
N ARG A 48 5.53 -2.39 -6.09
CA ARG A 48 6.60 -2.71 -7.04
C ARG A 48 7.61 -1.55 -7.13
N THR A 49 7.13 -0.31 -6.96
CA THR A 49 7.99 0.86 -7.01
C THR A 49 8.70 1.01 -5.66
N MET A 50 7.91 1.08 -4.57
CA MET A 50 8.44 1.27 -3.22
C MET A 50 9.42 0.14 -2.85
N LYS A 51 9.34 -1.00 -3.54
CA LYS A 51 10.21 -2.15 -3.27
C LYS A 51 11.67 -1.70 -3.15
N LYS A 52 12.17 -0.98 -4.16
CA LYS A 52 13.55 -0.50 -4.15
C LYS A 52 13.67 0.68 -5.13
N LEU A 53 12.71 1.59 -5.09
CA LEU A 53 12.69 2.76 -5.96
C LEU A 53 11.93 3.89 -5.26
N ARG A 1 3.69 20.10 -8.91
CA ARG A 1 3.52 18.83 -8.17
C ARG A 1 2.54 17.93 -8.91
N LYS A 2 2.59 16.63 -8.62
CA LYS A 2 1.71 15.65 -9.25
C LYS A 2 0.29 15.76 -8.70
N ARG A 3 0.17 16.20 -7.42
CA ARG A 3 -1.11 16.38 -6.73
C ARG A 3 -1.80 15.02 -6.50
N GLN A 4 -2.40 14.45 -7.56
CA GLN A 4 -3.12 13.19 -7.45
C GLN A 4 -2.13 12.02 -7.42
N ALA A 5 -1.49 11.83 -6.26
CA ALA A 5 -0.52 10.76 -6.08
C ALA A 5 -0.69 10.15 -4.68
N TRP A 6 0.17 9.18 -4.34
CA TRP A 6 0.12 8.53 -3.04
C TRP A 6 0.62 9.49 -1.96
N LEU A 7 -0.06 9.49 -0.81
CA LEU A 7 0.31 10.35 0.31
C LEU A 7 1.45 9.68 1.08
N TRP A 8 2.26 10.48 1.78
CA TRP A 8 3.37 9.97 2.56
C TRP A 8 2.86 8.94 3.58
N GLU A 9 1.70 9.22 4.19
CA GLU A 9 1.11 8.34 5.18
C GLU A 9 0.60 7.06 4.51
N GLU A 10 0.04 7.19 3.29
CA GLU A 10 -0.47 6.05 2.56
C GLU A 10 0.69 5.09 2.22
N ASP A 11 1.80 5.64 1.71
CA ASP A 11 2.97 4.85 1.37
C ASP A 11 3.56 4.23 2.64
N LYS A 12 3.64 5.03 3.72
CA LYS A 12 4.16 4.55 4.99
C LYS A 12 3.31 3.37 5.46
N ASN A 13 1.98 3.48 5.34
CA ASN A 13 1.06 2.43 5.74
C ASN A 13 1.29 1.19 4.89
N LEU A 14 1.43 1.38 3.56
CA LEU A 14 1.66 0.27 2.64
C LEU A 14 2.92 -0.49 3.04
N ARG A 15 4.06 0.22 3.10
CA ARG A 15 5.34 -0.38 3.43
C ARG A 15 5.28 -1.08 4.79
N SER A 16 4.83 -0.35 5.82
CA SER A 16 4.74 -0.90 7.17
C SER A 16 3.88 -2.16 7.19
N GLY A 17 2.70 -2.08 6.55
CA GLY A 17 1.77 -3.19 6.51
C GLY A 17 2.41 -4.41 5.83
N VAL A 18 2.75 -4.26 4.54
CA VAL A 18 3.34 -5.35 3.77
C VAL A 18 4.52 -5.97 4.52
N ARG A 19 5.38 -5.14 5.10
CA ARG A 19 6.54 -5.60 5.83
C ARG A 19 6.14 -6.48 7.02
N LYS A 20 5.01 -6.14 7.68
CA LYS A 20 4.55 -6.86 8.87
C LYS A 20 3.35 -7.77 8.56
N TYR A 21 3.22 -8.25 7.31
CA TYR A 21 2.13 -9.15 6.95
C TYR A 21 2.57 -10.14 5.87
N GLY A 22 3.39 -9.68 4.90
CA GLY A 22 3.90 -10.52 3.84
C GLY A 22 3.44 -9.99 2.49
N GLU A 23 4.31 -10.13 1.48
CA GLU A 23 4.00 -9.69 0.13
C GLU A 23 2.89 -10.56 -0.46
N GLY A 24 2.13 -10.02 -1.41
CA GLY A 24 1.05 -10.75 -2.05
C GLY A 24 -0.24 -10.56 -1.27
N ASN A 25 -0.14 -10.41 0.06
CA ASN A 25 -1.31 -10.21 0.89
C ASN A 25 -1.73 -8.74 0.81
N TRP A 26 -2.98 -8.49 0.41
CA TRP A 26 -3.51 -7.14 0.28
C TRP A 26 -4.78 -7.00 1.11
N SER A 27 -5.75 -7.90 0.89
CA SER A 27 -7.00 -7.88 1.64
C SER A 27 -6.73 -7.91 3.13
N LYS A 28 -5.75 -8.74 3.54
CA LYS A 28 -5.37 -8.87 4.94
C LYS A 28 -4.98 -7.49 5.49
N ILE A 29 -4.14 -6.76 4.76
CA ILE A 29 -3.66 -5.46 5.18
C ILE A 29 -4.84 -4.49 5.25
N LEU A 30 -5.71 -4.51 4.22
CA LEU A 30 -6.89 -3.63 4.18
C LEU A 30 -7.74 -3.82 5.43
N LEU A 31 -7.95 -5.08 5.83
CA LEU A 31 -8.76 -5.39 7.01
C LEU A 31 -8.12 -4.77 8.26
N HIS A 32 -6.79 -4.85 8.37
CA HIS A 32 -6.10 -4.31 9.54
C HIS A 32 -5.98 -2.79 9.44
N TYR A 33 -5.13 -2.30 8.53
CA TYR A 33 -4.91 -0.86 8.37
C TYR A 33 -5.84 -0.31 7.29
N LYS A 34 -6.55 0.78 7.63
CA LYS A 34 -7.46 1.42 6.70
C LYS A 34 -6.70 2.44 5.86
N PHE A 35 -6.77 2.29 4.53
CA PHE A 35 -6.11 3.21 3.61
C PHE A 35 -7.07 4.33 3.22
N ASN A 36 -6.67 5.20 2.29
CA ASN A 36 -7.50 6.32 1.87
C ASN A 36 -8.56 5.84 0.88
N ASN A 37 -8.12 5.32 -0.26
CA ASN A 37 -9.02 4.81 -1.29
C ASN A 37 -8.30 3.73 -2.09
N ARG A 38 -7.85 2.69 -1.37
CA ARG A 38 -7.10 1.59 -1.97
C ARG A 38 -7.94 0.31 -1.88
N THR A 39 -7.46 -0.78 -2.50
CA THR A 39 -8.19 -2.04 -2.48
C THR A 39 -7.21 -3.22 -2.54
N SER A 40 -6.55 -3.42 -3.70
CA SER A 40 -5.62 -4.52 -3.87
C SER A 40 -4.65 -4.23 -5.01
N VAL A 41 -5.18 -4.01 -6.22
CA VAL A 41 -4.35 -3.72 -7.39
C VAL A 41 -3.48 -2.48 -7.11
N MET A 42 -4.03 -1.51 -6.39
CA MET A 42 -3.32 -0.29 -6.04
C MET A 42 -2.07 -0.63 -5.22
N LEU A 43 -2.26 -1.44 -4.16
CA LEU A 43 -1.16 -1.83 -3.29
C LEU A 43 -0.14 -2.63 -4.07
N LYS A 44 -0.62 -3.58 -4.88
CA LYS A 44 0.24 -4.42 -5.69
C LYS A 44 1.14 -3.57 -6.59
N ASP A 45 0.53 -2.75 -7.44
CA ASP A 45 1.26 -1.91 -8.38
C ASP A 45 2.25 -1.00 -7.65
N ARG A 46 1.76 -0.25 -6.66
CA ARG A 46 2.58 0.68 -5.90
C ARG A 46 3.78 -0.05 -5.30
N TRP A 47 3.55 -1.22 -4.70
CA TRP A 47 4.62 -1.99 -4.09
C TRP A 47 5.58 -2.50 -5.17
N ARG A 48 5.06 -2.83 -6.35
CA ARG A 48 5.86 -3.36 -7.44
C ARG A 48 6.86 -2.31 -7.93
N THR A 49 6.38 -1.12 -8.32
CA THR A 49 7.25 -0.08 -8.85
C THR A 49 8.31 0.30 -7.81
N MET A 50 7.94 0.36 -6.52
CA MET A 50 8.90 0.69 -5.48
C MET A 50 9.91 -0.45 -5.35
N LYS A 51 9.43 -1.69 -5.26
CA LYS A 51 10.30 -2.85 -5.17
C LYS A 51 10.78 -3.23 -6.58
N LYS A 52 11.39 -2.27 -7.26
CA LYS A 52 11.89 -2.45 -8.63
C LYS A 52 12.80 -1.27 -8.98
N LEU A 53 12.30 -0.04 -8.75
CA LEU A 53 13.02 1.19 -9.06
C LEU A 53 12.89 1.48 -10.56
N ARG A 1 5.05 12.32 -6.00
CA ARG A 1 5.14 12.71 -7.42
C ARG A 1 3.86 13.43 -7.87
N LYS A 2 2.72 12.75 -7.76
CA LYS A 2 1.44 13.33 -8.16
C LYS A 2 1.06 14.50 -7.24
N ARG A 3 1.53 14.48 -5.98
CA ARG A 3 1.21 15.52 -5.00
C ARG A 3 -0.30 15.64 -4.88
N GLN A 4 -0.99 14.49 -4.86
CA GLN A 4 -2.44 14.44 -4.76
C GLN A 4 -2.85 13.03 -4.34
N ALA A 5 -2.61 12.06 -5.22
CA ALA A 5 -2.92 10.66 -4.95
C ALA A 5 -1.72 10.00 -4.30
N TRP A 6 -1.98 9.00 -3.43
CA TRP A 6 -0.94 8.28 -2.72
C TRP A 6 -0.05 9.26 -1.94
N LEU A 7 -0.54 9.72 -0.79
CA LEU A 7 0.20 10.64 0.06
C LEU A 7 1.17 9.85 0.93
N TRP A 8 2.07 10.57 1.63
CA TRP A 8 3.05 9.93 2.49
C TRP A 8 2.36 9.03 3.52
N GLU A 9 1.15 9.42 3.95
CA GLU A 9 0.37 8.67 4.92
C GLU A 9 0.02 7.29 4.36
N GLU A 10 -0.07 7.17 3.03
CA GLU A 10 -0.38 5.92 2.40
C GLU A 10 0.91 5.14 2.14
N ASP A 11 1.98 5.85 1.74
CA ASP A 11 3.26 5.22 1.47
C ASP A 11 3.79 4.49 2.69
N LYS A 12 3.86 5.18 3.84
CA LYS A 12 4.39 4.58 5.06
C LYS A 12 3.46 3.47 5.57
N ASN A 13 2.16 3.54 5.21
CA ASN A 13 1.20 2.53 5.60
C ASN A 13 1.42 1.25 4.79
N LEU A 14 1.62 1.41 3.47
CA LEU A 14 1.83 0.28 2.57
C LEU A 14 3.05 -0.53 3.02
N ARG A 15 4.22 0.12 3.08
CA ARG A 15 5.45 -0.56 3.44
C ARG A 15 5.33 -1.21 4.82
N SER A 16 4.64 -0.55 5.76
CA SER A 16 4.45 -1.08 7.11
C SER A 16 3.65 -2.38 7.04
N GLY A 17 2.50 -2.34 6.37
CA GLY A 17 1.63 -3.50 6.24
C GLY A 17 2.37 -4.67 5.57
N VAL A 18 2.95 -4.42 4.40
CA VAL A 18 3.65 -5.45 3.65
C VAL A 18 4.84 -6.00 4.44
N ARG A 19 5.61 -5.12 5.09
CA ARG A 19 6.77 -5.53 5.87
C ARG A 19 6.33 -6.42 7.02
N LYS A 20 5.22 -6.06 7.69
CA LYS A 20 4.71 -6.81 8.82
C LYS A 20 4.14 -8.16 8.37
N TYR A 21 3.44 -8.17 7.22
CA TYR A 21 2.80 -9.39 6.72
C TYR A 21 3.47 -9.85 5.42
N GLY A 22 3.08 -9.25 4.28
CA GLY A 22 3.62 -9.62 2.99
C GLY A 22 2.71 -9.10 1.88
N GLU A 23 3.10 -9.33 0.62
CA GLU A 23 2.31 -8.90 -0.52
C GLU A 23 1.40 -10.05 -0.97
N GLY A 24 0.24 -9.70 -1.55
CA GLY A 24 -0.73 -10.69 -2.00
C GLY A 24 -1.91 -10.71 -1.03
N ASN A 25 -1.60 -10.70 0.27
CA ASN A 25 -2.61 -10.70 1.32
C ASN A 25 -3.15 -9.28 1.54
N TRP A 26 -3.59 -8.64 0.46
CA TRP A 26 -4.09 -7.27 0.51
C TRP A 26 -5.34 -7.20 1.38
N SER A 27 -6.20 -8.22 1.31
CA SER A 27 -7.41 -8.27 2.11
C SER A 27 -7.05 -8.13 3.60
N LYS A 28 -6.02 -8.87 4.04
CA LYS A 28 -5.60 -8.82 5.43
C LYS A 28 -5.05 -7.43 5.75
N ILE A 29 -4.15 -6.92 4.90
CA ILE A 29 -3.55 -5.60 5.11
C ILE A 29 -4.65 -4.54 5.29
N LEU A 30 -5.67 -4.57 4.43
CA LEU A 30 -6.76 -3.60 4.50
C LEU A 30 -7.49 -3.70 5.85
N LEU A 31 -7.57 -4.91 6.42
CA LEU A 31 -8.23 -5.13 7.69
C LEU A 31 -7.35 -4.59 8.82
N HIS A 32 -6.05 -4.95 8.80
CA HIS A 32 -5.11 -4.52 9.83
C HIS A 32 -4.97 -2.99 9.82
N TYR A 33 -4.54 -2.44 8.69
CA TYR A 33 -4.36 -1.00 8.54
C TYR A 33 -5.36 -0.48 7.52
N LYS A 34 -5.96 0.68 7.79
CA LYS A 34 -6.95 1.28 6.91
C LYS A 34 -6.24 2.17 5.89
N PHE A 35 -6.68 2.10 4.63
CA PHE A 35 -6.11 2.89 3.55
C PHE A 35 -7.20 3.81 2.97
N ASN A 36 -6.83 4.68 2.02
CA ASN A 36 -7.79 5.59 1.40
C ASN A 36 -8.45 4.89 0.22
N ASN A 37 -8.37 5.48 -0.99
CA ASN A 37 -8.98 4.90 -2.19
C ASN A 37 -8.09 3.81 -2.77
N ARG A 38 -7.76 2.80 -1.94
CA ARG A 38 -6.93 1.68 -2.36
C ARG A 38 -7.79 0.42 -2.44
N THR A 39 -7.23 -0.68 -2.97
CA THR A 39 -7.98 -1.93 -3.07
C THR A 39 -7.00 -3.11 -3.02
N SER A 40 -6.27 -3.35 -4.12
CA SER A 40 -5.32 -4.46 -4.19
C SER A 40 -4.25 -4.15 -5.22
N VAL A 41 -4.66 -3.91 -6.48
CA VAL A 41 -3.73 -3.63 -7.57
C VAL A 41 -2.88 -2.39 -7.23
N MET A 42 -3.48 -1.41 -6.54
CA MET A 42 -2.76 -0.20 -6.16
C MET A 42 -1.62 -0.57 -5.22
N LEU A 43 -1.94 -1.22 -4.09
CA LEU A 43 -0.96 -1.62 -3.11
C LEU A 43 0.11 -2.51 -3.77
N LYS A 44 -0.33 -3.39 -4.68
CA LYS A 44 0.56 -4.32 -5.36
C LYS A 44 1.64 -3.56 -6.14
N ASP A 45 1.24 -2.85 -7.19
CA ASP A 45 2.18 -2.14 -8.04
C ASP A 45 2.99 -1.13 -7.25
N ARG A 46 2.34 -0.41 -6.33
CA ARG A 46 2.99 0.63 -5.54
C ARG A 46 4.05 0.03 -4.59
N TRP A 47 3.98 -1.27 -4.29
CA TRP A 47 4.93 -1.87 -3.37
C TRP A 47 6.29 -2.11 -4.05
N ARG A 48 6.31 -2.95 -5.10
CA ARG A 48 7.57 -3.32 -5.74
C ARG A 48 8.32 -2.08 -6.26
N THR A 49 7.61 -1.11 -6.86
CA THR A 49 8.26 0.09 -7.36
C THR A 49 8.98 0.81 -6.23
N MET A 50 8.38 0.82 -5.03
CA MET A 50 9.01 1.44 -3.85
C MET A 50 10.12 0.53 -3.33
N LYS A 51 9.97 -0.79 -3.54
CA LYS A 51 10.96 -1.77 -3.13
C LYS A 51 12.13 -1.81 -4.13
N LYS A 52 12.40 -0.67 -4.80
CA LYS A 52 13.47 -0.56 -5.78
C LYS A 52 13.33 -1.66 -6.83
N LEU A 53 12.10 -1.84 -7.34
CA LEU A 53 11.84 -2.85 -8.36
C LEU A 53 10.60 -2.43 -9.17
N ARG A 1 -3.84 17.47 -7.48
CA ARG A 1 -4.38 18.42 -6.49
C ARG A 1 -3.73 18.18 -5.12
N LYS A 2 -4.06 17.03 -4.49
CA LYS A 2 -3.50 16.67 -3.20
C LYS A 2 -3.21 15.17 -3.16
N ARG A 3 -4.27 14.34 -3.14
CA ARG A 3 -4.11 12.90 -3.13
C ARG A 3 -3.88 12.40 -4.56
N GLN A 4 -2.77 12.83 -5.17
CA GLN A 4 -2.42 12.44 -6.53
C GLN A 4 -1.45 11.26 -6.45
N ALA A 5 -0.16 11.54 -6.23
CA ALA A 5 0.85 10.49 -6.11
C ALA A 5 0.91 10.02 -4.67
N TRP A 6 -0.27 9.72 -4.08
CA TRP A 6 -0.38 9.27 -2.70
C TRP A 6 0.24 10.32 -1.76
N LEU A 7 0.51 9.94 -0.50
CA LEU A 7 1.10 10.85 0.46
C LEU A 7 1.97 10.06 1.44
N TRP A 8 2.89 10.79 2.11
CA TRP A 8 3.87 10.20 3.02
C TRP A 8 3.26 9.20 4.00
N GLU A 9 2.17 9.58 4.68
CA GLU A 9 1.55 8.73 5.69
C GLU A 9 1.05 7.42 5.08
N GLU A 10 0.38 7.48 3.92
CA GLU A 10 -0.15 6.28 3.28
C GLU A 10 0.99 5.39 2.81
N ASP A 11 2.05 5.98 2.24
CA ASP A 11 3.20 5.22 1.77
C ASP A 11 3.86 4.52 2.96
N LYS A 12 4.10 5.28 4.03
CA LYS A 12 4.71 4.74 5.25
C LYS A 12 3.82 3.63 5.83
N ASN A 13 2.50 3.83 5.79
CA ASN A 13 1.57 2.83 6.28
C ASN A 13 1.68 1.55 5.45
N LEU A 14 1.66 1.69 4.12
CA LEU A 14 1.73 0.56 3.22
C LEU A 14 3.01 -0.24 3.45
N ARG A 15 4.17 0.41 3.29
CA ARG A 15 5.45 -0.28 3.42
C ARG A 15 5.59 -0.91 4.81
N SER A 16 5.12 -0.23 5.85
CA SER A 16 5.18 -0.75 7.20
C SER A 16 4.40 -2.06 7.29
N GLY A 17 3.17 -2.06 6.76
CA GLY A 17 2.31 -3.22 6.80
C GLY A 17 2.90 -4.37 5.97
N VAL A 18 3.14 -4.13 4.68
CA VAL A 18 3.63 -5.16 3.78
C VAL A 18 4.94 -5.76 4.29
N ARG A 19 5.81 -4.96 4.91
CA ARG A 19 7.08 -5.45 5.42
C ARG A 19 6.85 -6.53 6.49
N LYS A 20 5.73 -6.44 7.23
CA LYS A 20 5.43 -7.40 8.30
C LYS A 20 4.55 -8.53 7.78
N TYR A 21 3.38 -8.18 7.21
CA TYR A 21 2.43 -9.16 6.71
C TYR A 21 3.04 -9.94 5.53
N GLY A 22 3.86 -9.27 4.72
CA GLY A 22 4.49 -9.88 3.56
C GLY A 22 3.62 -9.65 2.32
N GLU A 23 4.25 -9.51 1.15
CA GLU A 23 3.54 -9.29 -0.09
C GLU A 23 2.66 -10.51 -0.39
N GLY A 24 1.42 -10.24 -0.82
CA GLY A 24 0.45 -11.27 -1.11
C GLY A 24 -0.89 -10.87 -0.50
N ASN A 25 -0.85 -10.48 0.77
CA ASN A 25 -2.04 -10.02 1.47
C ASN A 25 -2.27 -8.55 1.12
N TRP A 26 -3.39 -8.26 0.44
CA TRP A 26 -3.72 -6.89 0.05
C TRP A 26 -5.13 -6.55 0.55
N SER A 27 -6.13 -7.31 0.08
CA SER A 27 -7.50 -7.12 0.52
C SER A 27 -7.57 -7.27 2.05
N LYS A 28 -6.84 -8.26 2.58
CA LYS A 28 -6.79 -8.49 4.00
C LYS A 28 -6.04 -7.36 4.69
N ILE A 29 -4.95 -6.89 4.08
CA ILE A 29 -4.15 -5.80 4.65
C ILE A 29 -5.01 -4.55 4.78
N LEU A 30 -5.94 -4.34 3.84
CA LEU A 30 -6.81 -3.17 3.86
C LEU A 30 -7.65 -3.16 5.15
N LEU A 31 -7.99 -4.35 5.67
CA LEU A 31 -8.78 -4.46 6.89
C LEU A 31 -7.96 -4.01 8.09
N HIS A 32 -6.76 -4.59 8.26
CA HIS A 32 -5.88 -4.26 9.37
C HIS A 32 -5.36 -2.84 9.21
N TYR A 33 -4.62 -2.59 8.12
CA TYR A 33 -4.06 -1.29 7.83
C TYR A 33 -5.10 -0.50 7.03
N LYS A 34 -5.79 0.42 7.71
CA LYS A 34 -6.85 1.22 7.09
C LYS A 34 -6.31 2.04 5.92
N PHE A 35 -7.20 2.34 4.97
CA PHE A 35 -6.88 3.13 3.78
C PHE A 35 -8.16 3.79 3.28
N ASN A 36 -8.07 4.60 2.21
CA ASN A 36 -9.23 5.26 1.64
C ASN A 36 -9.88 4.33 0.60
N ASN A 37 -10.23 4.86 -0.58
CA ASN A 37 -10.87 4.07 -1.63
C ASN A 37 -9.84 3.22 -2.36
N ARG A 38 -9.14 2.35 -1.63
CA ARG A 38 -8.13 1.46 -2.20
C ARG A 38 -8.74 0.08 -2.38
N THR A 39 -8.08 -0.80 -3.15
CA THR A 39 -8.57 -2.14 -3.42
C THR A 39 -7.53 -3.18 -3.00
N SER A 40 -6.71 -3.61 -3.95
CA SER A 40 -5.69 -4.63 -3.71
C SER A 40 -4.57 -4.48 -4.73
N VAL A 41 -4.94 -4.50 -6.02
CA VAL A 41 -3.99 -4.34 -7.11
C VAL A 41 -3.21 -3.03 -6.92
N MET A 42 -3.90 -1.98 -6.45
CA MET A 42 -3.30 -0.68 -6.21
C MET A 42 -2.06 -0.84 -5.32
N LEU A 43 -2.19 -1.62 -4.24
CA LEU A 43 -1.09 -1.84 -3.31
C LEU A 43 -0.05 -2.76 -3.94
N LYS A 44 -0.52 -3.87 -4.52
CA LYS A 44 0.35 -4.87 -5.12
C LYS A 44 1.33 -4.25 -6.11
N ASP A 45 0.81 -3.55 -7.12
CA ASP A 45 1.65 -2.97 -8.15
C ASP A 45 2.63 -1.95 -7.59
N ARG A 46 2.14 -1.04 -6.75
CA ARG A 46 2.99 0.00 -6.17
C ARG A 46 4.13 -0.62 -5.36
N TRP A 47 3.86 -1.73 -4.66
CA TRP A 47 4.88 -2.38 -3.84
C TRP A 47 6.03 -2.91 -4.70
N ARG A 48 5.76 -3.25 -5.98
CA ARG A 48 6.79 -3.78 -6.87
C ARG A 48 8.03 -2.88 -6.83
N THR A 49 7.83 -1.60 -7.16
CA THR A 49 8.93 -0.64 -7.17
C THR A 49 9.21 -0.13 -5.76
N MET A 50 8.15 0.09 -4.97
CA MET A 50 8.29 0.60 -3.60
C MET A 50 8.60 -0.56 -2.64
N LYS A 51 9.43 -1.51 -3.07
CA LYS A 51 9.80 -2.65 -2.25
C LYS A 51 11.00 -2.28 -1.40
N LYS A 52 11.96 -1.61 -2.02
CA LYS A 52 13.19 -1.19 -1.37
C LYS A 52 13.95 -0.28 -2.33
N LEU A 53 13.85 -0.61 -3.63
CA LEU A 53 14.54 0.12 -4.70
C LEU A 53 16.04 -0.19 -4.67
N ARG A 1 -7.75 15.72 0.05
CA ARG A 1 -8.90 15.41 0.93
C ARG A 1 -9.34 13.97 0.69
N LYS A 2 -9.97 13.35 1.71
CA LYS A 2 -10.45 11.96 1.61
C LYS A 2 -9.34 11.04 1.09
N ARG A 3 -8.09 11.29 1.50
CA ARG A 3 -6.94 10.47 1.10
C ARG A 3 -6.97 10.18 -0.41
N GLN A 4 -7.16 11.23 -1.22
CA GLN A 4 -7.21 11.10 -2.66
C GLN A 4 -5.94 10.42 -3.18
N ALA A 5 -4.82 11.14 -3.13
CA ALA A 5 -3.54 10.62 -3.60
C ALA A 5 -2.87 9.78 -2.51
N TRP A 6 -1.71 9.20 -2.84
CA TRP A 6 -0.96 8.39 -1.89
C TRP A 6 -0.21 9.31 -0.92
N LEU A 7 -0.87 9.67 0.18
CA LEU A 7 -0.28 10.53 1.20
C LEU A 7 0.89 9.80 1.87
N TRP A 8 1.65 10.52 2.71
CA TRP A 8 2.78 9.95 3.41
C TRP A 8 2.33 8.73 4.22
N GLU A 9 1.13 8.81 4.81
CA GLU A 9 0.60 7.71 5.61
C GLU A 9 0.33 6.50 4.73
N GLU A 10 -0.34 6.72 3.59
CA GLU A 10 -0.66 5.65 2.66
C GLU A 10 0.60 4.86 2.31
N ASP A 11 1.68 5.59 1.99
CA ASP A 11 2.95 4.97 1.61
C ASP A 11 3.61 4.29 2.81
N LYS A 12 3.71 5.00 3.94
CA LYS A 12 4.36 4.48 5.14
C LYS A 12 3.70 3.20 5.61
N ASN A 13 2.38 3.19 5.73
CA ASN A 13 1.68 2.00 6.19
C ASN A 13 1.82 0.88 5.16
N LEU A 14 1.96 1.21 3.87
CA LEU A 14 2.13 0.20 2.83
C LEU A 14 3.47 -0.50 3.01
N ARG A 15 4.57 0.27 2.92
CA ARG A 15 5.92 -0.28 3.04
C ARG A 15 6.13 -0.93 4.41
N SER A 16 5.50 -0.38 5.46
CA SER A 16 5.63 -0.91 6.80
C SER A 16 4.51 -1.93 7.09
N GLY A 17 3.77 -2.34 6.05
CA GLY A 17 2.67 -3.29 6.18
C GLY A 17 2.99 -4.57 5.41
N VAL A 18 3.32 -4.42 4.13
CA VAL A 18 3.63 -5.56 3.28
C VAL A 18 4.79 -6.36 3.87
N ARG A 19 5.80 -5.66 4.39
CA ARG A 19 6.97 -6.31 4.97
C ARG A 19 6.61 -6.99 6.30
N LYS A 20 5.47 -6.64 6.90
CA LYS A 20 5.04 -7.21 8.16
C LYS A 20 4.11 -8.39 7.90
N TYR A 21 2.97 -8.16 7.25
CA TYR A 21 2.00 -9.19 6.97
C TYR A 21 2.52 -10.11 5.87
N GLY A 22 2.69 -9.59 4.65
CA GLY A 22 3.20 -10.37 3.53
C GLY A 22 2.74 -9.77 2.21
N GLU A 23 3.56 -9.96 1.16
CA GLU A 23 3.25 -9.45 -0.18
C GLU A 23 2.15 -10.32 -0.80
N GLY A 24 0.89 -10.00 -0.47
CA GLY A 24 -0.25 -10.74 -0.97
C GLY A 24 -1.45 -10.52 -0.06
N ASN A 25 -1.19 -10.24 1.23
CA ASN A 25 -2.25 -10.02 2.21
C ASN A 25 -2.78 -8.58 2.10
N TRP A 26 -3.15 -8.18 0.88
CA TRP A 26 -3.66 -6.84 0.62
C TRP A 26 -4.95 -6.61 1.41
N SER A 27 -5.87 -7.57 1.36
CA SER A 27 -7.14 -7.48 2.07
C SER A 27 -6.88 -7.34 3.57
N LYS A 28 -5.98 -8.17 4.11
CA LYS A 28 -5.65 -8.15 5.52
C LYS A 28 -5.14 -6.77 5.91
N ILE A 29 -4.22 -6.21 5.11
CA ILE A 29 -3.67 -4.89 5.37
C ILE A 29 -4.79 -3.86 5.36
N LEU A 30 -5.69 -3.96 4.37
CA LEU A 30 -6.81 -3.04 4.23
C LEU A 30 -7.67 -3.06 5.51
N LEU A 31 -7.91 -4.27 6.05
CA LEU A 31 -8.73 -4.43 7.25
C LEU A 31 -8.03 -3.82 8.47
N HIS A 32 -6.73 -4.14 8.65
CA HIS A 32 -5.99 -3.66 9.81
C HIS A 32 -5.62 -2.19 9.65
N TYR A 33 -4.70 -1.89 8.72
CA TYR A 33 -4.22 -0.54 8.52
C TYR A 33 -5.27 0.29 7.79
N LYS A 34 -5.35 1.58 8.12
CA LYS A 34 -6.31 2.49 7.50
C LYS A 34 -5.89 2.75 6.06
N PHE A 35 -6.87 2.68 5.14
CA PHE A 35 -6.61 2.91 3.72
C PHE A 35 -7.85 3.49 3.07
N ASN A 36 -7.64 4.14 1.92
CA ASN A 36 -8.72 4.74 1.15
C ASN A 36 -9.12 3.78 0.02
N ASN A 37 -9.51 4.32 -1.15
CA ASN A 37 -9.89 3.51 -2.28
C ASN A 37 -8.63 3.01 -2.99
N ARG A 38 -7.86 2.15 -2.30
CA ARG A 38 -6.64 1.58 -2.84
C ARG A 38 -6.89 0.11 -3.16
N THR A 39 -7.18 -0.18 -4.43
CA THR A 39 -7.46 -1.55 -4.88
C THR A 39 -6.22 -2.43 -4.65
N SER A 40 -6.44 -3.74 -4.51
CA SER A 40 -5.36 -4.69 -4.28
C SER A 40 -4.31 -4.57 -5.38
N VAL A 41 -4.75 -4.47 -6.64
CA VAL A 41 -3.83 -4.33 -7.77
C VAL A 41 -3.05 -3.02 -7.66
N MET A 42 -3.68 -1.97 -7.14
CA MET A 42 -3.04 -0.68 -6.98
C MET A 42 -1.95 -0.78 -5.91
N LEU A 43 -2.27 -1.41 -4.78
CA LEU A 43 -1.33 -1.61 -3.69
C LEU A 43 -0.14 -2.45 -4.20
N LYS A 44 -0.45 -3.50 -4.96
CA LYS A 44 0.56 -4.38 -5.53
C LYS A 44 1.48 -3.59 -6.46
N ASP A 45 0.90 -2.74 -7.32
CA ASP A 45 1.67 -1.95 -8.27
C ASP A 45 2.57 -0.96 -7.52
N ARG A 46 2.01 -0.25 -6.52
CA ARG A 46 2.78 0.71 -5.75
C ARG A 46 3.96 0.01 -5.08
N TRP A 47 3.71 -1.14 -4.45
CA TRP A 47 4.75 -1.90 -3.78
C TRP A 47 5.77 -2.41 -4.79
N ARG A 48 5.30 -2.86 -5.96
CA ARG A 48 6.18 -3.36 -7.00
C ARG A 48 7.16 -2.26 -7.41
N THR A 49 6.64 -1.05 -7.64
CA THR A 49 7.46 0.09 -8.00
C THR A 49 8.51 0.32 -6.92
N MET A 50 8.08 0.29 -5.65
CA MET A 50 8.97 0.49 -4.52
C MET A 50 10.03 -0.63 -4.46
N LYS A 51 9.62 -1.85 -4.82
CA LYS A 51 10.52 -2.99 -4.83
C LYS A 51 11.65 -2.73 -5.83
N LYS A 52 11.30 -2.20 -7.00
CA LYS A 52 12.27 -1.87 -8.04
C LYS A 52 13.19 -0.75 -7.54
N LEU A 53 12.58 0.33 -7.01
CA LEU A 53 13.34 1.46 -6.52
C LEU A 53 12.47 2.26 -5.55
N ARG A 1 -7.04 13.93 2.47
CA ARG A 1 -8.38 14.43 2.13
C ARG A 1 -8.41 14.94 0.69
N LYS A 2 -8.49 14.01 -0.27
CA LYS A 2 -8.52 14.35 -1.69
C LYS A 2 -7.37 15.31 -2.04
N ARG A 3 -6.13 14.85 -1.80
CA ARG A 3 -4.94 15.64 -2.09
C ARG A 3 -4.14 14.93 -3.20
N GLN A 4 -2.81 14.93 -3.09
CA GLN A 4 -1.96 14.28 -4.07
C GLN A 4 -2.14 12.77 -3.97
N ALA A 5 -1.86 12.07 -5.08
CA ALA A 5 -2.00 10.62 -5.12
C ALA A 5 -1.01 9.97 -4.15
N TRP A 6 -1.54 9.14 -3.23
CA TRP A 6 -0.74 8.42 -2.24
C TRP A 6 0.01 9.41 -1.34
N LEU A 7 -0.54 9.66 -0.15
CA LEU A 7 0.07 10.55 0.82
C LEU A 7 1.33 9.89 1.40
N TRP A 8 2.19 10.68 2.05
CA TRP A 8 3.42 10.18 2.64
C TRP A 8 3.10 9.06 3.64
N GLU A 9 2.05 9.25 4.45
CA GLU A 9 1.65 8.29 5.46
C GLU A 9 1.27 6.95 4.82
N GLU A 10 0.59 6.98 3.67
CA GLU A 10 0.17 5.77 2.99
C GLU A 10 1.37 4.91 2.62
N ASP A 11 2.48 5.53 2.22
CA ASP A 11 3.70 4.80 1.88
C ASP A 11 4.16 4.03 3.11
N LYS A 12 4.15 4.68 4.28
CA LYS A 12 4.60 4.04 5.52
C LYS A 12 3.65 2.89 5.87
N ASN A 13 2.35 3.09 5.69
CA ASN A 13 1.35 2.07 5.98
C ASN A 13 1.57 0.85 5.09
N LEU A 14 1.87 1.07 3.80
CA LEU A 14 2.09 -0.01 2.85
C LEU A 14 3.35 -0.78 3.24
N ARG A 15 4.46 -0.05 3.40
CA ARG A 15 5.74 -0.64 3.76
C ARG A 15 5.62 -1.45 5.05
N SER A 16 5.00 -0.85 6.07
CA SER A 16 4.83 -1.48 7.37
C SER A 16 3.93 -2.72 7.25
N GLY A 17 2.79 -2.57 6.56
CA GLY A 17 1.83 -3.66 6.41
C GLY A 17 2.48 -4.88 5.76
N VAL A 18 3.16 -4.68 4.63
CA VAL A 18 3.79 -5.77 3.91
C VAL A 18 4.89 -6.40 4.77
N ARG A 19 5.73 -5.58 5.42
CA ARG A 19 6.81 -6.09 6.25
C ARG A 19 6.24 -6.86 7.46
N LYS A 20 5.11 -6.39 8.00
CA LYS A 20 4.50 -7.01 9.16
C LYS A 20 3.89 -8.36 8.78
N TYR A 21 3.03 -8.36 7.75
CA TYR A 21 2.34 -9.58 7.32
C TYR A 21 3.09 -10.23 6.16
N GLY A 22 2.89 -9.71 4.94
CA GLY A 22 3.55 -10.25 3.77
C GLY A 22 2.96 -9.63 2.50
N GLU A 23 3.71 -9.69 1.40
CA GLU A 23 3.28 -9.15 0.13
C GLU A 23 2.22 -10.06 -0.48
N GLY A 24 1.28 -9.47 -1.24
CA GLY A 24 0.21 -10.23 -1.87
C GLY A 24 -1.05 -10.19 -1.02
N ASN A 25 -0.88 -10.22 0.31
CA ASN A 25 -2.00 -10.20 1.24
C ASN A 25 -2.52 -8.76 1.42
N TRP A 26 -2.98 -8.15 0.32
CA TRP A 26 -3.48 -6.78 0.34
C TRP A 26 -4.73 -6.69 1.20
N SER A 27 -5.55 -7.76 1.19
CA SER A 27 -6.80 -7.80 1.95
C SER A 27 -6.53 -7.59 3.44
N LYS A 28 -5.72 -8.47 4.04
CA LYS A 28 -5.42 -8.38 5.47
C LYS A 28 -4.82 -7.02 5.81
N ILE A 29 -3.87 -6.54 4.99
CA ILE A 29 -3.23 -5.25 5.22
C ILE A 29 -4.31 -4.16 5.27
N LEU A 30 -5.17 -4.11 4.25
CA LEU A 30 -6.23 -3.11 4.17
C LEU A 30 -7.17 -3.24 5.38
N LEU A 31 -7.40 -4.47 5.84
CA LEU A 31 -8.31 -4.73 6.96
C LEU A 31 -7.80 -4.10 8.27
N HIS A 32 -6.50 -3.77 8.34
CA HIS A 32 -5.91 -3.21 9.55
C HIS A 32 -5.44 -1.77 9.32
N TYR A 33 -4.63 -1.56 8.28
CA TYR A 33 -4.09 -0.24 7.96
C TYR A 33 -5.16 0.60 7.26
N LYS A 34 -4.75 1.72 6.66
CA LYS A 34 -5.66 2.64 5.97
C LYS A 34 -6.07 2.04 4.62
N PHE A 35 -6.00 2.87 3.57
CA PHE A 35 -6.35 2.47 2.20
C PHE A 35 -7.87 2.32 2.08
N ASN A 36 -8.53 3.42 1.71
CA ASN A 36 -9.98 3.42 1.55
C ASN A 36 -10.32 3.29 0.07
N ASN A 37 -9.88 4.26 -0.75
CA ASN A 37 -10.13 4.25 -2.18
C ASN A 37 -8.99 3.54 -2.92
N ARG A 38 -8.44 2.47 -2.29
CA ARG A 38 -7.37 1.69 -2.88
C ARG A 38 -7.58 0.23 -2.52
N THR A 39 -7.52 -0.66 -3.52
CA THR A 39 -7.74 -2.08 -3.29
C THR A 39 -6.84 -2.92 -4.20
N SER A 40 -6.37 -4.06 -3.65
CA SER A 40 -5.54 -5.06 -4.34
C SER A 40 -4.61 -4.44 -5.40
N VAL A 41 -5.07 -4.39 -6.66
CA VAL A 41 -4.27 -3.92 -7.79
C VAL A 41 -3.57 -2.59 -7.49
N MET A 42 -4.27 -1.66 -6.81
CA MET A 42 -3.69 -0.35 -6.51
C MET A 42 -2.51 -0.50 -5.55
N LEU A 43 -2.70 -1.28 -4.48
CA LEU A 43 -1.65 -1.50 -3.50
C LEU A 43 -0.46 -2.21 -4.15
N LYS A 44 -0.75 -3.23 -4.95
CA LYS A 44 0.28 -4.01 -5.63
C LYS A 44 1.09 -3.13 -6.57
N ASP A 45 0.40 -2.38 -7.44
CA ASP A 45 1.05 -1.55 -8.44
C ASP A 45 1.94 -0.49 -7.80
N ARG A 46 1.51 0.08 -6.66
CA ARG A 46 2.28 1.14 -6.01
C ARG A 46 3.43 0.53 -5.21
N TRP A 47 3.16 -0.58 -4.51
CA TRP A 47 4.16 -1.23 -3.70
C TRP A 47 5.39 -1.59 -4.54
N ARG A 48 5.14 -2.05 -5.79
CA ARG A 48 6.21 -2.41 -6.71
C ARG A 48 7.22 -1.26 -6.83
N THR A 49 6.71 -0.03 -6.92
CA THR A 49 7.55 1.15 -7.04
C THR A 49 8.15 1.53 -5.69
N MET A 50 7.31 1.54 -4.63
CA MET A 50 7.74 1.92 -3.29
C MET A 50 8.96 1.08 -2.85
N LYS A 51 9.01 -0.20 -3.26
CA LYS A 51 10.13 -1.07 -2.91
C LYS A 51 11.43 -0.48 -3.47
N LYS A 52 11.35 0.14 -4.66
CA LYS A 52 12.50 0.75 -5.30
C LYS A 52 12.45 2.27 -5.13
N LEU A 53 11.85 2.73 -4.01
CA LEU A 53 11.69 4.15 -3.68
C LEU A 53 11.56 5.02 -4.95
N ARG A 1 -3.92 18.98 0.72
CA ARG A 1 -2.94 18.21 1.50
C ARG A 1 -2.47 17.00 0.69
N LYS A 2 -1.49 17.23 -0.20
CA LYS A 2 -0.96 16.18 -1.07
C LYS A 2 -2.10 15.49 -1.83
N ARG A 3 -2.44 14.25 -1.43
CA ARG A 3 -3.49 13.44 -2.08
C ARG A 3 -2.97 12.91 -3.43
N GLN A 4 -2.25 13.75 -4.20
CA GLN A 4 -1.70 13.34 -5.48
C GLN A 4 -0.57 12.34 -5.26
N ALA A 5 -0.68 11.18 -5.91
CA ALA A 5 0.33 10.12 -5.81
C ALA A 5 0.56 9.74 -4.35
N TRP A 6 -0.55 9.43 -3.63
CA TRP A 6 -0.50 9.02 -2.22
C TRP A 6 0.16 10.12 -1.36
N LEU A 7 0.40 9.80 -0.08
CA LEU A 7 1.06 10.70 0.84
C LEU A 7 1.90 9.88 1.81
N TRP A 8 2.93 10.51 2.40
CA TRP A 8 3.88 9.86 3.29
C TRP A 8 3.18 8.94 4.30
N GLU A 9 2.06 9.38 4.89
CA GLU A 9 1.36 8.59 5.90
C GLU A 9 0.93 7.24 5.33
N GLU A 10 0.37 7.24 4.12
CA GLU A 10 -0.10 6.02 3.48
C GLU A 10 1.09 5.19 3.00
N ASP A 11 2.11 5.86 2.44
CA ASP A 11 3.28 5.18 1.90
C ASP A 11 4.00 4.42 3.02
N LYS A 12 4.34 5.09 4.13
CA LYS A 12 5.05 4.44 5.23
C LYS A 12 4.18 3.34 5.85
N ASN A 13 2.85 3.53 5.86
CA ASN A 13 1.93 2.53 6.39
C ASN A 13 2.01 1.28 5.53
N LEU A 14 1.97 1.47 4.21
CA LEU A 14 2.04 0.37 3.25
C LEU A 14 3.37 -0.36 3.42
N ARG A 15 4.48 0.39 3.49
CA ARG A 15 5.79 -0.19 3.66
C ARG A 15 5.84 -1.01 4.95
N SER A 16 5.24 -0.47 6.02
CA SER A 16 5.22 -1.14 7.32
C SER A 16 4.03 -2.11 7.41
N GLY A 17 3.40 -2.44 6.27
CA GLY A 17 2.26 -3.35 6.24
C GLY A 17 2.59 -4.56 5.38
N VAL A 18 2.99 -4.33 4.13
CA VAL A 18 3.32 -5.40 3.22
C VAL A 18 4.48 -6.22 3.77
N ARG A 19 5.55 -5.55 4.22
CA ARG A 19 6.71 -6.24 4.76
C ARG A 19 6.36 -6.89 6.10
N LYS A 20 5.45 -6.25 6.87
CA LYS A 20 5.04 -6.77 8.17
C LYS A 20 4.32 -8.10 7.99
N TYR A 21 3.17 -8.08 7.29
CA TYR A 21 2.40 -9.29 7.06
C TYR A 21 3.05 -10.14 5.97
N GLY A 22 2.97 -9.69 4.71
CA GLY A 22 3.56 -10.38 3.58
C GLY A 22 2.85 -10.00 2.29
N GLU A 23 3.60 -9.99 1.18
CA GLU A 23 3.06 -9.67 -0.12
C GLU A 23 2.02 -10.72 -0.52
N GLY A 24 0.78 -10.29 -0.75
CA GLY A 24 -0.31 -11.18 -1.11
C GLY A 24 -1.45 -11.04 -0.10
N ASN A 25 -1.11 -10.70 1.16
CA ASN A 25 -2.11 -10.53 2.21
C ASN A 25 -2.76 -9.15 2.07
N TRP A 26 -3.11 -8.76 0.84
CA TRP A 26 -3.69 -7.47 0.56
C TRP A 26 -5.03 -7.30 1.28
N SER A 27 -5.82 -8.37 1.35
CA SER A 27 -7.11 -8.34 2.02
C SER A 27 -6.92 -7.93 3.49
N LYS A 28 -6.01 -8.62 4.19
CA LYS A 28 -5.74 -8.34 5.59
C LYS A 28 -5.14 -6.95 5.74
N ILE A 29 -4.11 -6.64 4.94
CA ILE A 29 -3.44 -5.35 5.01
C ILE A 29 -4.48 -4.23 4.90
N LEU A 30 -5.35 -4.30 3.89
CA LEU A 30 -6.38 -3.29 3.67
C LEU A 30 -7.31 -3.21 4.87
N LEU A 31 -7.63 -4.35 5.47
CA LEU A 31 -8.55 -4.40 6.61
C LEU A 31 -7.93 -3.75 7.84
N HIS A 32 -6.66 -4.07 8.14
CA HIS A 32 -5.99 -3.57 9.33
C HIS A 32 -5.53 -2.12 9.15
N TYR A 33 -4.74 -1.84 8.11
CA TYR A 33 -4.22 -0.50 7.88
C TYR A 33 -5.31 0.41 7.30
N LYS A 34 -4.93 1.66 7.01
CA LYS A 34 -5.85 2.67 6.50
C LYS A 34 -6.18 2.43 5.03
N PHE A 35 -5.92 3.44 4.20
CA PHE A 35 -6.22 3.41 2.76
C PHE A 35 -7.72 3.54 2.55
N ASN A 36 -8.19 3.46 1.30
CA ASN A 36 -9.60 3.61 1.00
C ASN A 36 -9.90 3.01 -0.38
N ASN A 37 -9.94 3.87 -1.42
CA ASN A 37 -10.25 3.43 -2.77
C ASN A 37 -9.00 2.81 -3.42
N ARG A 38 -8.56 1.67 -2.87
CA ARG A 38 -7.39 0.97 -3.39
C ARG A 38 -7.59 -0.53 -3.26
N THR A 39 -7.95 -1.18 -4.36
CA THR A 39 -8.10 -2.63 -4.39
C THR A 39 -6.71 -3.27 -4.29
N SER A 40 -6.64 -4.60 -4.22
CA SER A 40 -5.37 -5.31 -4.12
C SER A 40 -4.38 -4.84 -5.19
N VAL A 41 -4.88 -4.56 -6.41
CA VAL A 41 -4.02 -4.13 -7.51
C VAL A 41 -3.45 -2.74 -7.24
N MET A 42 -4.22 -1.83 -6.62
CA MET A 42 -3.74 -0.49 -6.31
C MET A 42 -2.63 -0.58 -5.27
N LEU A 43 -2.88 -1.35 -4.21
CA LEU A 43 -1.89 -1.53 -3.15
C LEU A 43 -0.62 -2.15 -3.73
N LYS A 44 -0.78 -3.18 -4.59
CA LYS A 44 0.35 -3.84 -5.22
C LYS A 44 1.11 -2.87 -6.12
N ASP A 45 0.39 -2.05 -6.90
CA ASP A 45 1.01 -1.09 -7.80
C ASP A 45 1.88 -0.12 -7.01
N ARG A 46 1.33 0.47 -5.95
CA ARG A 46 2.07 1.40 -5.12
C ARG A 46 3.32 0.72 -4.58
N TRP A 47 3.19 -0.55 -4.14
CA TRP A 47 4.30 -1.30 -3.59
C TRP A 47 5.30 -1.68 -4.69
N ARG A 48 4.82 -1.84 -5.93
CA ARG A 48 5.67 -2.22 -7.05
C ARG A 48 6.73 -1.15 -7.30
N THR A 49 6.31 0.12 -7.41
CA THR A 49 7.23 1.22 -7.67
C THR A 49 8.12 1.47 -6.43
N MET A 50 7.73 0.98 -5.25
CA MET A 50 8.51 1.17 -4.04
C MET A 50 9.58 0.08 -3.93
N LYS A 51 9.19 -1.18 -4.16
CA LYS A 51 10.12 -2.31 -4.06
C LYS A 51 11.03 -2.37 -5.29
N LYS A 52 10.57 -1.82 -6.42
CA LYS A 52 11.36 -1.79 -7.64
C LYS A 52 11.04 -0.52 -8.42
N LEU A 53 11.63 0.59 -7.98
CA LEU A 53 11.46 1.88 -8.65
C LEU A 53 12.08 1.81 -10.05
N ARG A 1 0.82 16.63 -15.61
CA ARG A 1 1.88 16.75 -14.59
C ARG A 1 1.27 16.88 -13.18
N LYS A 2 0.15 16.17 -12.93
CA LYS A 2 -0.51 16.19 -11.64
C LYS A 2 -0.96 14.77 -11.27
N ARG A 3 -0.01 13.95 -10.80
CA ARG A 3 -0.28 12.58 -10.41
C ARG A 3 0.81 12.11 -9.45
N GLN A 4 0.92 12.79 -8.31
CA GLN A 4 1.93 12.49 -7.30
C GLN A 4 1.58 11.18 -6.59
N ALA A 5 2.54 10.66 -5.80
CA ALA A 5 2.35 9.43 -5.03
C ALA A 5 1.31 9.68 -3.92
N TRP A 6 1.06 8.64 -3.11
CA TRP A 6 0.11 8.75 -2.01
C TRP A 6 0.69 9.64 -0.91
N LEU A 7 -0.12 9.90 0.13
CA LEU A 7 0.32 10.74 1.24
C LEU A 7 1.23 9.94 2.16
N TRP A 8 2.01 10.64 2.99
CA TRP A 8 3.00 10.03 3.87
C TRP A 8 2.39 8.92 4.76
N GLU A 9 1.16 9.12 5.25
CA GLU A 9 0.53 8.14 6.13
C GLU A 9 0.32 6.83 5.39
N GLU A 10 -0.34 6.89 4.22
CA GLU A 10 -0.61 5.70 3.43
C GLU A 10 0.69 5.05 2.99
N ASP A 11 1.66 5.86 2.56
CA ASP A 11 2.96 5.38 2.12
C ASP A 11 3.65 4.62 3.27
N LYS A 12 3.59 5.19 4.48
CA LYS A 12 4.19 4.58 5.66
C LYS A 12 3.48 3.25 5.96
N ASN A 13 2.14 3.27 5.91
CA ASN A 13 1.33 2.09 6.18
C ASN A 13 1.67 0.98 5.18
N LEU A 14 1.92 1.35 3.92
CA LEU A 14 2.24 0.39 2.88
C LEU A 14 3.53 -0.37 3.25
N ARG A 15 4.61 0.37 3.53
CA ARG A 15 5.89 -0.23 3.89
C ARG A 15 5.73 -1.13 5.11
N SER A 16 5.34 -0.54 6.24
CA SER A 16 5.20 -1.26 7.50
C SER A 16 4.29 -2.48 7.32
N GLY A 17 3.15 -2.29 6.67
CA GLY A 17 2.18 -3.35 6.48
C GLY A 17 2.78 -4.53 5.73
N VAL A 18 3.27 -4.29 4.51
CA VAL A 18 3.83 -5.35 3.69
C VAL A 18 5.02 -6.01 4.40
N ARG A 19 5.86 -5.23 5.07
CA ARG A 19 7.00 -5.76 5.79
C ARG A 19 6.54 -6.69 6.93
N LYS A 20 5.53 -6.26 7.69
CA LYS A 20 5.03 -7.03 8.82
C LYS A 20 4.36 -8.32 8.34
N TYR A 21 3.43 -8.20 7.39
CA TYR A 21 2.69 -9.35 6.89
C TYR A 21 3.33 -9.88 5.61
N GLY A 22 2.96 -9.31 4.44
CA GLY A 22 3.52 -9.76 3.17
C GLY A 22 2.60 -9.38 2.01
N GLU A 23 3.11 -9.53 0.78
CA GLU A 23 2.35 -9.23 -0.42
C GLU A 23 1.33 -10.35 -0.68
N GLY A 24 0.28 -10.01 -1.42
CA GLY A 24 -0.77 -10.97 -1.77
C GLY A 24 -1.85 -10.96 -0.70
N ASN A 25 -1.43 -10.90 0.56
CA ASN A 25 -2.35 -10.88 1.69
C ASN A 25 -2.82 -9.43 1.92
N TRP A 26 -3.37 -8.82 0.87
CA TRP A 26 -3.84 -7.45 0.93
C TRP A 26 -5.10 -7.34 1.78
N SER A 27 -5.84 -8.45 1.92
CA SER A 27 -7.05 -8.46 2.71
C SER A 27 -6.75 -7.99 4.14
N LYS A 28 -5.71 -8.57 4.77
CA LYS A 28 -5.34 -8.19 6.12
C LYS A 28 -4.78 -6.76 6.13
N ILE A 29 -3.93 -6.44 5.16
CA ILE A 29 -3.33 -5.11 5.07
C ILE A 29 -4.43 -4.04 5.11
N LEU A 30 -5.47 -4.21 4.29
CA LEU A 30 -6.57 -3.25 4.21
C LEU A 30 -7.32 -3.18 5.55
N LEU A 31 -7.26 -4.25 6.34
CA LEU A 31 -7.95 -4.32 7.63
C LEU A 31 -7.13 -3.56 8.68
N HIS A 32 -5.84 -3.87 8.78
CA HIS A 32 -4.96 -3.27 9.77
C HIS A 32 -4.82 -1.76 9.51
N TYR A 33 -4.60 -1.38 8.25
CA TYR A 33 -4.47 0.03 7.87
C TYR A 33 -5.58 0.36 6.88
N LYS A 34 -6.34 1.44 7.15
CA LYS A 34 -7.43 1.84 6.29
C LYS A 34 -6.93 2.75 5.18
N PHE A 35 -6.63 2.17 4.01
CA PHE A 35 -6.19 2.94 2.85
C PHE A 35 -7.39 3.75 2.33
N ASN A 36 -7.15 4.72 1.44
CA ASN A 36 -8.22 5.55 0.89
C ASN A 36 -9.18 4.67 0.10
N ASN A 37 -8.81 4.34 -1.14
CA ASN A 37 -9.61 3.50 -2.02
C ASN A 37 -8.67 2.68 -2.89
N ARG A 38 -7.72 2.00 -2.23
CA ARG A 38 -6.70 1.21 -2.92
C ARG A 38 -7.16 -0.24 -3.05
N THR A 39 -7.32 -0.70 -4.29
CA THR A 39 -7.72 -2.06 -4.57
C THR A 39 -6.46 -2.96 -4.57
N SER A 40 -6.66 -4.27 -4.65
CA SER A 40 -5.55 -5.22 -4.63
C SER A 40 -4.58 -4.93 -5.78
N VAL A 41 -5.10 -4.55 -6.96
CA VAL A 41 -4.28 -4.24 -8.12
C VAL A 41 -3.48 -2.96 -7.87
N MET A 42 -4.14 -1.93 -7.31
CA MET A 42 -3.48 -0.66 -7.02
C MET A 42 -2.31 -0.89 -6.07
N LEU A 43 -2.54 -1.69 -5.01
CA LEU A 43 -1.51 -1.98 -4.03
C LEU A 43 -0.32 -2.68 -4.68
N LYS A 44 -0.58 -3.72 -5.47
CA LYS A 44 0.49 -4.46 -6.14
C LYS A 44 1.29 -3.53 -7.04
N ASP A 45 0.59 -2.83 -7.96
CA ASP A 45 1.24 -1.94 -8.91
C ASP A 45 2.08 -0.89 -8.19
N ARG A 46 1.47 -0.16 -7.26
CA ARG A 46 2.15 0.91 -6.54
C ARG A 46 3.37 0.37 -5.79
N TRP A 47 3.15 -0.69 -4.99
CA TRP A 47 4.21 -1.28 -4.18
C TRP A 47 5.37 -1.74 -5.06
N ARG A 48 5.07 -2.47 -6.14
CA ARG A 48 6.10 -3.01 -7.02
C ARG A 48 6.90 -1.88 -7.67
N THR A 49 6.20 -0.87 -8.21
CA THR A 49 6.85 0.26 -8.87
C THR A 49 7.78 0.98 -7.89
N MET A 50 7.27 1.30 -6.70
CA MET A 50 8.04 2.00 -5.69
C MET A 50 9.22 1.14 -5.24
N LYS A 51 8.96 -0.15 -5.00
CA LYS A 51 9.98 -1.10 -4.56
C LYS A 51 10.78 -1.59 -5.77
N LYS A 52 11.32 -0.66 -6.56
CA LYS A 52 12.14 -0.97 -7.72
C LYS A 52 13.36 -0.05 -7.74
N LEU A 53 13.12 1.26 -7.50
CA LEU A 53 14.17 2.28 -7.49
C LEU A 53 14.57 2.62 -8.93
N ARG A 1 2.30 10.39 -18.66
CA ARG A 1 2.56 9.65 -17.41
C ARG A 1 1.84 10.35 -16.24
N LYS A 2 0.80 9.71 -15.71
CA LYS A 2 0.03 10.26 -14.60
C LYS A 2 0.74 9.98 -13.29
N ARG A 3 1.34 11.03 -12.70
CA ARG A 3 2.05 10.89 -11.43
C ARG A 3 1.05 10.93 -10.27
N GLN A 4 0.32 9.83 -10.08
CA GLN A 4 -0.67 9.73 -9.02
C GLN A 4 0.03 9.69 -7.66
N ALA A 5 0.16 10.86 -7.02
CA ALA A 5 0.80 10.98 -5.73
C ALA A 5 -0.05 10.29 -4.66
N TRP A 6 0.61 9.80 -3.60
CA TRP A 6 -0.06 9.12 -2.50
C TRP A 6 0.07 9.94 -1.22
N LEU A 7 -0.66 9.54 -0.18
CA LEU A 7 -0.63 10.22 1.11
C LEU A 7 0.45 9.56 1.98
N TRP A 8 1.15 10.38 2.78
CA TRP A 8 2.21 9.90 3.66
C TRP A 8 1.74 8.68 4.46
N GLU A 9 0.49 8.70 4.89
CA GLU A 9 -0.10 7.62 5.65
C GLU A 9 -0.02 6.32 4.84
N GLU A 10 -0.69 6.29 3.69
CA GLU A 10 -0.72 5.11 2.84
C GLU A 10 0.69 4.67 2.46
N ASP A 11 1.55 5.63 2.09
CA ASP A 11 2.92 5.34 1.70
C ASP A 11 3.64 4.55 2.80
N LYS A 12 3.70 5.11 4.01
CA LYS A 12 4.38 4.48 5.13
C LYS A 12 3.69 3.16 5.48
N ASN A 13 2.36 3.19 5.56
CA ASN A 13 1.56 2.02 5.91
C ASN A 13 1.82 0.86 4.95
N LEU A 14 2.05 1.16 3.66
CA LEU A 14 2.29 0.13 2.67
C LEU A 14 3.59 -0.61 2.98
N ARG A 15 4.67 0.15 3.21
CA ARG A 15 5.98 -0.42 3.47
C ARG A 15 5.94 -1.34 4.68
N SER A 16 5.63 -0.79 5.87
CA SER A 16 5.61 -1.56 7.10
C SER A 16 4.54 -2.64 7.03
N GLY A 17 3.38 -2.31 6.45
CA GLY A 17 2.27 -3.25 6.35
C GLY A 17 2.68 -4.52 5.62
N VAL A 18 3.16 -4.39 4.39
CA VAL A 18 3.55 -5.54 3.58
C VAL A 18 4.68 -6.31 4.26
N ARG A 19 5.65 -5.60 4.86
CA ARG A 19 6.76 -6.25 5.53
C ARG A 19 6.25 -7.10 6.70
N LYS A 20 5.29 -6.57 7.46
CA LYS A 20 4.75 -7.27 8.62
C LYS A 20 3.89 -8.46 8.19
N TYR A 21 2.85 -8.20 7.38
CA TYR A 21 1.95 -9.25 6.92
C TYR A 21 2.68 -10.18 5.95
N GLY A 22 2.95 -9.68 4.74
CA GLY A 22 3.62 -10.45 3.71
C GLY A 22 3.17 -9.99 2.32
N GLU A 23 3.81 -10.53 1.27
CA GLU A 23 3.49 -10.20 -0.09
C GLU A 23 2.12 -10.78 -0.46
N GLY A 24 1.21 -9.93 -0.97
CA GLY A 24 -0.11 -10.38 -1.39
C GLY A 24 -1.17 -10.13 -0.30
N ASN A 25 -0.75 -9.79 0.92
CA ASN A 25 -1.67 -9.55 2.02
C ASN A 25 -2.29 -8.15 1.90
N TRP A 26 -3.04 -7.94 0.81
CA TRP A 26 -3.68 -6.66 0.53
C TRP A 26 -4.92 -6.46 1.40
N SER A 27 -5.74 -7.50 1.52
CA SER A 27 -6.97 -7.44 2.29
C SER A 27 -6.67 -7.01 3.73
N LYS A 28 -5.71 -7.68 4.38
CA LYS A 28 -5.36 -7.39 5.76
C LYS A 28 -4.91 -5.93 5.90
N ILE A 29 -4.10 -5.45 4.96
CA ILE A 29 -3.61 -4.09 5.00
C ILE A 29 -4.79 -3.10 4.96
N LEU A 30 -5.76 -3.37 4.10
CA LEU A 30 -6.91 -2.48 3.93
C LEU A 30 -7.84 -2.53 5.15
N LEU A 31 -8.07 -3.71 5.71
CA LEU A 31 -9.04 -3.86 6.80
C LEU A 31 -8.45 -3.49 8.17
N HIS A 32 -7.13 -3.71 8.41
CA HIS A 32 -6.55 -3.44 9.73
C HIS A 32 -5.21 -2.71 9.63
N TYR A 33 -5.04 -1.79 8.67
CA TYR A 33 -3.78 -1.06 8.57
C TYR A 33 -3.98 0.34 7.95
N LYS A 34 -5.20 0.89 8.10
CA LYS A 34 -5.54 2.26 7.66
C LYS A 34 -5.20 2.52 6.19
N PHE A 35 -6.21 2.48 5.32
CA PHE A 35 -6.04 2.77 3.90
C PHE A 35 -7.37 3.33 3.35
N ASN A 36 -7.31 3.94 2.17
CA ASN A 36 -8.50 4.52 1.55
C ASN A 36 -9.00 3.56 0.47
N ASN A 37 -9.43 4.09 -0.68
CA ASN A 37 -9.94 3.27 -1.77
C ASN A 37 -8.77 2.67 -2.55
N ARG A 38 -8.02 1.76 -1.91
CA ARG A 38 -6.89 1.09 -2.53
C ARG A 38 -7.25 -0.37 -2.80
N THR A 39 -7.30 -0.73 -4.10
CA THR A 39 -7.61 -2.08 -4.51
C THR A 39 -6.34 -2.93 -4.57
N SER A 40 -6.50 -4.25 -4.72
CA SER A 40 -5.38 -5.17 -4.78
C SER A 40 -4.39 -4.74 -5.87
N VAL A 41 -4.89 -4.48 -7.08
CA VAL A 41 -4.04 -4.09 -8.20
C VAL A 41 -3.27 -2.80 -7.90
N MET A 42 -3.91 -1.84 -7.22
CA MET A 42 -3.26 -0.58 -6.88
C MET A 42 -2.12 -0.83 -5.90
N LEU A 43 -2.41 -1.55 -4.82
CA LEU A 43 -1.42 -1.86 -3.80
C LEU A 43 -0.24 -2.59 -4.43
N LYS A 44 -0.53 -3.59 -5.26
CA LYS A 44 0.50 -4.39 -5.90
C LYS A 44 1.36 -3.53 -6.82
N ASP A 45 0.73 -2.77 -7.72
CA ASP A 45 1.44 -1.92 -8.67
C ASP A 45 2.34 -0.91 -7.94
N ARG A 46 1.76 -0.18 -6.98
CA ARG A 46 2.51 0.82 -6.24
C ARG A 46 3.62 0.16 -5.44
N TRP A 47 3.33 -0.95 -4.75
CA TRP A 47 4.32 -1.64 -3.96
C TRP A 47 5.56 -1.96 -4.79
N ARG A 48 5.35 -2.46 -6.01
CA ARG A 48 6.45 -2.80 -6.90
C ARG A 48 7.44 -1.63 -7.00
N THR A 49 6.91 -0.40 -7.02
CA THR A 49 7.74 0.80 -7.12
C THR A 49 8.36 1.13 -5.75
N MET A 50 7.55 1.05 -4.69
CA MET A 50 8.01 1.37 -3.33
C MET A 50 9.17 0.46 -2.92
N LYS A 51 9.21 -0.78 -3.42
CA LYS A 51 10.29 -1.71 -3.10
C LYS A 51 11.63 -1.13 -3.57
N LYS A 52 11.61 -0.34 -4.65
CA LYS A 52 12.81 0.28 -5.18
C LYS A 52 13.02 1.65 -4.54
N LEU A 53 11.95 2.45 -4.50
CA LEU A 53 12.00 3.79 -3.92
C LEU A 53 11.46 3.73 -2.48
N ARG A 1 -0.36 17.08 -14.55
CA ARG A 1 0.81 16.29 -14.12
C ARG A 1 0.37 14.88 -13.72
N LYS A 2 -0.07 14.07 -14.70
CA LYS A 2 -0.52 12.70 -14.48
C LYS A 2 -1.44 12.64 -13.25
N ARG A 3 -0.93 12.08 -12.15
CA ARG A 3 -1.68 11.97 -10.90
C ARG A 3 -0.70 12.12 -9.73
N GLN A 4 -1.16 12.75 -8.64
CA GLN A 4 -0.32 12.94 -7.47
C GLN A 4 -0.09 11.60 -6.77
N ALA A 5 1.11 11.42 -6.20
CA ALA A 5 1.48 10.19 -5.52
C ALA A 5 0.64 10.02 -4.25
N TRP A 6 0.81 8.88 -3.58
CA TRP A 6 0.07 8.57 -2.35
C TRP A 6 0.53 9.51 -1.23
N LEU A 7 -0.26 9.59 -0.16
CA LEU A 7 0.07 10.43 0.98
C LEU A 7 1.19 9.78 1.80
N TRP A 8 1.81 10.56 2.68
CA TRP A 8 2.90 10.07 3.51
C TRP A 8 2.43 8.89 4.37
N GLU A 9 1.24 9.02 4.97
CA GLU A 9 0.68 7.98 5.82
C GLU A 9 0.36 6.74 5.01
N GLU A 10 -0.18 6.92 3.79
CA GLU A 10 -0.53 5.81 2.92
C GLU A 10 0.74 5.03 2.55
N ASP A 11 1.81 5.75 2.19
CA ASP A 11 3.07 5.13 1.84
C ASP A 11 3.61 4.35 3.05
N LYS A 12 3.60 5.00 4.22
CA LYS A 12 4.08 4.37 5.45
C LYS A 12 3.28 3.11 5.72
N ASN A 13 1.96 3.19 5.57
CA ASN A 13 1.07 2.06 5.80
C ASN A 13 1.45 0.90 4.88
N LEU A 14 1.71 1.19 3.60
CA LEU A 14 2.07 0.18 2.63
C LEU A 14 3.36 -0.51 3.05
N ARG A 15 4.42 0.26 3.24
CA ARG A 15 5.73 -0.27 3.63
C ARG A 15 5.61 -1.12 4.90
N SER A 16 4.98 -0.57 5.94
CA SER A 16 4.84 -1.26 7.22
C SER A 16 4.02 -2.54 7.07
N GLY A 17 2.79 -2.43 6.56
CA GLY A 17 1.89 -3.56 6.41
C GLY A 17 2.54 -4.68 5.60
N VAL A 18 3.16 -4.34 4.47
CA VAL A 18 3.78 -5.33 3.60
C VAL A 18 4.90 -6.06 4.35
N ARG A 19 5.75 -5.32 5.07
CA ARG A 19 6.86 -5.92 5.79
C ARG A 19 6.37 -6.80 6.95
N LYS A 20 5.05 -6.80 7.23
CA LYS A 20 4.49 -7.60 8.32
C LYS A 20 3.73 -8.80 7.76
N TYR A 21 2.74 -8.54 6.90
CA TYR A 21 1.88 -9.59 6.36
C TYR A 21 2.38 -10.13 5.02
N GLY A 22 3.22 -9.35 4.32
CA GLY A 22 3.77 -9.77 3.03
C GLY A 22 3.05 -9.07 1.88
N GLU A 23 3.75 -8.91 0.75
CA GLU A 23 3.19 -8.25 -0.43
C GLU A 23 2.31 -9.24 -1.20
N GLY A 24 1.17 -9.59 -0.60
CA GLY A 24 0.23 -10.53 -1.20
C GLY A 24 -1.07 -10.54 -0.43
N ASN A 25 -0.99 -10.53 0.91
CA ASN A 25 -2.16 -10.53 1.77
C ASN A 25 -2.75 -9.11 1.84
N TRP A 26 -3.16 -8.59 0.70
CA TRP A 26 -3.73 -7.25 0.61
C TRP A 26 -5.09 -7.20 1.32
N SER A 27 -5.81 -8.32 1.31
CA SER A 27 -7.13 -8.42 1.91
C SER A 27 -7.11 -7.96 3.37
N LYS A 28 -6.22 -8.55 4.19
CA LYS A 28 -6.15 -8.21 5.60
C LYS A 28 -5.45 -6.85 5.80
N ILE A 29 -4.47 -6.53 4.95
CA ILE A 29 -3.76 -5.25 5.04
C ILE A 29 -4.77 -4.10 4.95
N LEU A 30 -5.80 -4.27 4.10
CA LEU A 30 -6.84 -3.25 3.93
C LEU A 30 -7.53 -2.96 5.27
N LEU A 31 -7.61 -3.96 6.15
CA LEU A 31 -8.27 -3.81 7.44
C LEU A 31 -7.29 -3.27 8.48
N HIS A 32 -6.13 -3.89 8.60
CA HIS A 32 -5.13 -3.50 9.59
C HIS A 32 -4.63 -2.09 9.35
N TYR A 33 -4.51 -1.68 8.07
CA TYR A 33 -4.01 -0.36 7.71
C TYR A 33 -5.05 0.40 6.90
N LYS A 34 -5.21 1.69 7.21
CA LYS A 34 -6.17 2.54 6.53
C LYS A 34 -5.72 2.78 5.08
N PHE A 35 -6.66 2.60 4.14
CA PHE A 35 -6.41 2.80 2.73
C PHE A 35 -7.70 3.24 2.05
N ASN A 36 -7.72 4.48 1.54
CA ASN A 36 -8.88 5.04 0.89
C ASN A 36 -8.85 4.71 -0.60
N ASN A 37 -9.81 3.89 -1.05
CA ASN A 37 -9.92 3.47 -2.45
C ASN A 37 -8.62 2.79 -2.90
N ARG A 38 -7.88 2.20 -1.96
CA ARG A 38 -6.64 1.52 -2.24
C ARG A 38 -6.74 0.08 -1.76
N THR A 39 -6.70 -0.88 -2.68
CA THR A 39 -6.80 -2.29 -2.32
C THR A 39 -6.27 -3.17 -3.45
N SER A 40 -5.79 -4.37 -3.08
CA SER A 40 -5.31 -5.39 -4.00
C SER A 40 -4.39 -4.80 -5.09
N VAL A 41 -4.92 -4.64 -6.31
CA VAL A 41 -4.14 -4.17 -7.45
C VAL A 41 -3.47 -2.84 -7.17
N MET A 42 -4.11 -1.94 -6.41
CA MET A 42 -3.55 -0.63 -6.12
C MET A 42 -2.28 -0.77 -5.28
N LEU A 43 -2.37 -1.53 -4.19
CA LEU A 43 -1.23 -1.74 -3.30
C LEU A 43 -0.10 -2.45 -4.04
N LYS A 44 -0.45 -3.50 -4.80
CA LYS A 44 0.52 -4.26 -5.56
C LYS A 44 1.20 -3.37 -6.61
N ASP A 45 0.40 -2.56 -7.32
CA ASP A 45 0.91 -1.69 -8.38
C ASP A 45 1.92 -0.70 -7.81
N ARG A 46 1.58 -0.03 -6.71
CA ARG A 46 2.48 0.94 -6.10
C ARG A 46 3.72 0.22 -5.55
N TRP A 47 3.52 -0.92 -4.89
CA TRP A 47 4.62 -1.63 -4.27
C TRP A 47 5.65 -2.07 -5.30
N ARG A 48 5.23 -2.83 -6.33
CA ARG A 48 6.17 -3.37 -7.31
C ARG A 48 6.95 -2.25 -8.01
N THR A 49 6.42 -1.02 -8.06
CA THR A 49 7.12 0.08 -8.70
C THR A 49 8.11 0.72 -7.72
N MET A 50 7.65 1.11 -6.53
CA MET A 50 8.53 1.74 -5.55
C MET A 50 9.59 0.74 -5.04
N LYS A 51 9.34 -0.57 -5.23
CA LYS A 51 10.30 -1.59 -4.84
C LYS A 51 11.62 -1.34 -5.57
N LYS A 52 11.54 -1.04 -6.87
CA LYS A 52 12.70 -0.73 -7.68
C LYS A 52 13.06 0.75 -7.49
N LEU A 53 12.03 1.62 -7.44
CA LEU A 53 12.20 3.05 -7.25
C LEU A 53 12.84 3.67 -8.49
N ARG A 1 -2.67 18.29 -6.19
CA ARG A 1 -3.77 18.32 -5.21
C ARG A 1 -5.10 18.57 -5.91
N LYS A 2 -5.90 17.51 -6.12
CA LYS A 2 -7.19 17.62 -6.78
C LYS A 2 -8.02 16.35 -6.57
N ARG A 3 -7.34 15.18 -6.55
CA ARG A 3 -8.00 13.90 -6.33
C ARG A 3 -7.22 13.10 -5.30
N GLN A 4 -7.93 12.21 -4.58
CA GLN A 4 -7.31 11.38 -3.56
C GLN A 4 -6.55 10.23 -4.22
N ALA A 5 -5.32 10.51 -4.66
CA ALA A 5 -4.48 9.51 -5.29
C ALA A 5 -3.75 8.71 -4.21
N TRP A 6 -2.56 9.19 -3.81
CA TRP A 6 -1.76 8.53 -2.78
C TRP A 6 -0.94 9.60 -2.05
N LEU A 7 -0.43 9.26 -0.85
CA LEU A 7 0.38 10.19 -0.08
C LEU A 7 1.30 9.42 0.86
N TRP A 8 2.29 10.14 1.42
CA TRP A 8 3.30 9.58 2.31
C TRP A 8 2.68 8.67 3.37
N GLU A 9 1.58 9.11 3.98
CA GLU A 9 0.92 8.35 5.03
C GLU A 9 0.62 6.93 4.54
N GLU A 10 -0.18 6.81 3.47
CA GLU A 10 -0.55 5.52 2.92
C GLU A 10 0.71 4.69 2.60
N ASP A 11 1.68 5.31 1.92
CA ASP A 11 2.92 4.63 1.54
C ASP A 11 3.65 4.12 2.79
N LYS A 12 3.57 4.86 3.90
CA LYS A 12 4.26 4.50 5.13
C LYS A 12 3.64 3.22 5.71
N ASN A 13 2.33 3.24 6.00
CA ASN A 13 1.67 2.08 6.59
C ASN A 13 1.66 0.92 5.59
N LEU A 14 1.75 1.23 4.28
CA LEU A 14 1.83 0.19 3.26
C LEU A 14 3.11 -0.61 3.49
N ARG A 15 4.24 0.09 3.67
CA ARG A 15 5.53 -0.55 3.88
C ARG A 15 5.46 -1.47 5.10
N SER A 16 4.98 -0.91 6.23
CA SER A 16 4.88 -1.65 7.48
C SER A 16 4.02 -2.90 7.28
N GLY A 17 2.77 -2.71 6.85
CA GLY A 17 1.82 -3.79 6.68
C GLY A 17 2.35 -4.87 5.75
N VAL A 18 2.67 -4.50 4.50
CA VAL A 18 3.11 -5.46 3.49
C VAL A 18 4.30 -6.29 3.98
N ARG A 19 5.33 -5.64 4.52
CA ARG A 19 6.52 -6.34 4.95
C ARG A 19 6.26 -7.17 6.23
N LYS A 20 5.44 -6.64 7.14
CA LYS A 20 5.16 -7.33 8.40
C LYS A 20 4.32 -8.58 8.16
N TYR A 21 3.19 -8.44 7.45
CA TYR A 21 2.30 -9.56 7.19
C TYR A 21 2.92 -10.49 6.14
N GLY A 22 3.32 -9.95 4.98
CA GLY A 22 3.93 -10.73 3.94
C GLY A 22 3.66 -10.10 2.57
N GLU A 23 4.66 -10.18 1.67
CA GLU A 23 4.54 -9.63 0.33
C GLU A 23 3.59 -10.50 -0.49
N GLY A 24 2.29 -10.25 -0.34
CA GLY A 24 1.27 -11.02 -1.03
C GLY A 24 -0.11 -10.65 -0.47
N ASN A 25 -0.17 -10.30 0.82
CA ASN A 25 -1.42 -9.91 1.45
C ASN A 25 -1.79 -8.49 1.00
N TRP A 26 -3.09 -8.22 0.85
CA TRP A 26 -3.56 -6.91 0.42
C TRP A 26 -4.87 -6.58 1.14
N SER A 27 -5.90 -7.42 0.93
CA SER A 27 -7.20 -7.23 1.57
C SER A 27 -7.03 -7.27 3.09
N LYS A 28 -6.31 -8.27 3.59
CA LYS A 28 -6.05 -8.43 5.01
C LYS A 28 -5.39 -7.16 5.56
N ILE A 29 -4.42 -6.62 4.82
CA ILE A 29 -3.72 -5.41 5.24
C ILE A 29 -4.72 -4.25 5.29
N LEU A 30 -5.59 -4.16 4.29
CA LEU A 30 -6.60 -3.11 4.23
C LEU A 30 -7.50 -3.17 5.48
N LEU A 31 -7.74 -4.38 5.99
CA LEU A 31 -8.56 -4.57 7.18
C LEU A 31 -7.86 -3.98 8.40
N HIS A 32 -6.54 -4.18 8.50
CA HIS A 32 -5.77 -3.71 9.64
C HIS A 32 -5.41 -2.22 9.46
N TYR A 33 -4.53 -1.92 8.50
CA TYR A 33 -4.09 -0.56 8.25
C TYR A 33 -5.13 0.15 7.38
N LYS A 34 -5.35 1.45 7.64
CA LYS A 34 -6.31 2.24 6.90
C LYS A 34 -5.69 2.79 5.63
N PHE A 35 -6.48 2.82 4.54
CA PHE A 35 -6.06 3.35 3.26
C PHE A 35 -7.18 4.24 2.71
N ASN A 36 -6.93 4.92 1.59
CA ASN A 36 -7.91 5.79 0.96
C ASN A 36 -8.36 5.20 -0.37
N ASN A 37 -9.64 4.81 -0.45
CA ASN A 37 -10.22 4.22 -1.66
C ASN A 37 -9.26 3.24 -2.35
N ARG A 38 -8.63 2.37 -1.55
CA ARG A 38 -7.73 1.34 -2.07
C ARG A 38 -8.53 0.10 -2.46
N THR A 39 -7.91 -0.81 -3.23
CA THR A 39 -8.56 -2.03 -3.64
C THR A 39 -7.56 -3.20 -3.57
N SER A 40 -6.78 -3.41 -4.64
CA SER A 40 -5.79 -4.49 -4.70
C SER A 40 -4.64 -4.07 -5.60
N VAL A 41 -4.92 -3.87 -6.89
CA VAL A 41 -3.91 -3.48 -7.87
C VAL A 41 -3.21 -2.20 -7.41
N MET A 42 -3.97 -1.27 -6.83
CA MET A 42 -3.43 -0.01 -6.34
C MET A 42 -2.28 -0.26 -5.38
N LEU A 43 -2.42 -1.30 -4.53
CA LEU A 43 -1.40 -1.63 -3.54
C LEU A 43 -0.25 -2.40 -4.21
N LYS A 44 -0.58 -3.35 -5.10
CA LYS A 44 0.43 -4.16 -5.78
C LYS A 44 1.40 -3.25 -6.53
N ASP A 45 0.88 -2.44 -7.45
CA ASP A 45 1.70 -1.55 -8.27
C ASP A 45 2.55 -0.63 -7.39
N ARG A 46 1.93 -0.06 -6.35
CA ARG A 46 2.61 0.84 -5.45
C ARG A 46 3.81 0.15 -4.80
N TRP A 47 3.57 -0.96 -4.10
CA TRP A 47 4.65 -1.66 -3.42
C TRP A 47 5.71 -2.11 -4.43
N ARG A 48 5.28 -2.70 -5.55
CA ARG A 48 6.18 -3.18 -6.58
C ARG A 48 7.21 -2.11 -6.96
N THR A 49 6.74 -0.87 -7.14
CA THR A 49 7.60 0.23 -7.55
C THR A 49 8.34 0.84 -6.37
N MET A 50 7.60 1.24 -5.34
CA MET A 50 8.16 1.93 -4.17
C MET A 50 9.28 1.11 -3.50
N LYS A 51 9.12 -0.21 -3.40
CA LYS A 51 10.10 -1.04 -2.71
C LYS A 51 11.43 -1.17 -3.48
N LYS A 52 11.54 -0.54 -4.66
CA LYS A 52 12.77 -0.60 -5.45
C LYS A 52 13.84 0.29 -4.80
N LEU A 53 13.49 1.56 -4.52
CA LEU A 53 14.43 2.53 -3.95
C LEU A 53 15.70 2.58 -4.81
N ARG A 1 -5.90 7.69 -14.21
CA ARG A 1 -4.45 7.53 -14.35
C ARG A 1 -3.76 8.02 -13.07
N LYS A 2 -3.54 9.34 -12.96
CA LYS A 2 -2.88 9.95 -11.81
C LYS A 2 -1.48 9.34 -11.62
N ARG A 3 -0.47 10.00 -12.22
CA ARG A 3 0.91 9.53 -12.14
C ARG A 3 1.32 9.31 -10.69
N GLN A 4 0.91 10.20 -9.78
CA GLN A 4 1.25 10.09 -8.37
C GLN A 4 0.18 10.75 -7.50
N ALA A 5 0.13 10.34 -6.23
CA ALA A 5 -0.81 10.87 -5.26
C ALA A 5 -0.44 10.31 -3.88
N TRP A 6 -1.42 9.71 -3.17
CA TRP A 6 -1.21 9.10 -1.86
C TRP A 6 -0.74 10.13 -0.83
N LEU A 7 -0.54 9.68 0.41
CA LEU A 7 -0.07 10.52 1.50
C LEU A 7 1.24 9.96 2.04
N TRP A 8 2.03 10.80 2.70
CA TRP A 8 3.31 10.40 3.27
C TRP A 8 3.11 9.26 4.27
N GLU A 9 2.06 9.37 5.10
CA GLU A 9 1.77 8.36 6.10
C GLU A 9 1.24 7.08 5.43
N GLU A 10 0.43 7.23 4.36
CA GLU A 10 -0.12 6.09 3.64
C GLU A 10 1.01 5.24 3.07
N ASP A 11 2.00 5.89 2.45
CA ASP A 11 3.15 5.20 1.88
C ASP A 11 3.87 4.41 2.98
N LYS A 12 4.09 5.03 4.14
CA LYS A 12 4.74 4.39 5.26
C LYS A 12 3.92 3.17 5.70
N ASN A 13 2.59 3.32 5.79
CA ASN A 13 1.71 2.24 6.20
C ASN A 13 1.83 1.08 5.21
N LEU A 14 1.95 1.37 3.92
CA LEU A 14 2.07 0.35 2.90
C LEU A 14 3.37 -0.44 3.10
N ARG A 15 4.50 0.27 3.17
CA ARG A 15 5.80 -0.36 3.33
C ARG A 15 5.83 -1.21 4.61
N SER A 16 5.48 -0.61 5.73
CA SER A 16 5.47 -1.30 7.02
C SER A 16 4.52 -2.48 6.98
N GLY A 17 3.33 -2.28 6.41
CA GLY A 17 2.32 -3.32 6.34
C GLY A 17 2.83 -4.53 5.57
N VAL A 18 3.15 -4.33 4.29
CA VAL A 18 3.63 -5.42 3.44
C VAL A 18 4.86 -6.08 4.06
N ARG A 19 5.76 -5.28 4.64
CA ARG A 19 6.98 -5.80 5.26
C ARG A 19 6.64 -6.78 6.38
N LYS A 20 5.66 -6.43 7.23
CA LYS A 20 5.29 -7.26 8.36
C LYS A 20 4.32 -8.38 7.95
N TYR A 21 3.13 -8.00 7.47
CA TYR A 21 2.09 -8.95 7.11
C TYR A 21 2.53 -9.84 5.94
N GLY A 22 3.41 -9.33 5.06
CA GLY A 22 3.91 -10.10 3.93
C GLY A 22 3.17 -9.73 2.65
N GLU A 23 3.89 -9.71 1.53
CA GLU A 23 3.31 -9.39 0.24
C GLU A 23 2.48 -10.57 -0.26
N GLY A 24 1.15 -10.41 -0.30
CA GLY A 24 0.27 -11.47 -0.77
C GLY A 24 -1.12 -11.30 -0.18
N ASN A 25 -1.20 -11.25 1.17
CA ASN A 25 -2.47 -11.12 1.86
C ASN A 25 -2.92 -9.66 1.85
N TRP A 26 -3.12 -9.11 0.65
CA TRP A 26 -3.57 -7.73 0.47
C TRP A 26 -4.90 -7.52 1.20
N SER A 27 -5.69 -8.60 1.32
CA SER A 27 -6.97 -8.54 2.01
C SER A 27 -6.76 -8.09 3.46
N LYS A 28 -6.02 -8.89 4.24
CA LYS A 28 -5.75 -8.58 5.63
C LYS A 28 -5.15 -7.18 5.76
N ILE A 29 -4.12 -6.90 4.97
CA ILE A 29 -3.44 -5.61 5.01
C ILE A 29 -4.47 -4.48 4.83
N LEU A 30 -5.29 -4.56 3.79
CA LEU A 30 -6.29 -3.54 3.50
C LEU A 30 -7.29 -3.40 4.66
N LEU A 31 -7.77 -4.52 5.20
CA LEU A 31 -8.74 -4.51 6.29
C LEU A 31 -8.15 -3.88 7.55
N HIS A 32 -6.90 -4.21 7.86
CA HIS A 32 -6.25 -3.72 9.07
C HIS A 32 -5.94 -2.23 8.94
N TYR A 33 -5.24 -1.84 7.87
CA TYR A 33 -4.92 -0.43 7.64
C TYR A 33 -6.13 0.28 7.03
N LYS A 34 -5.97 1.55 6.64
CA LYS A 34 -7.04 2.33 6.05
C LYS A 34 -6.49 3.18 4.91
N PHE A 35 -6.28 2.55 3.75
CA PHE A 35 -5.79 3.25 2.57
C PHE A 35 -6.97 3.94 1.86
N ASN A 36 -6.67 4.84 0.91
CA ASN A 36 -7.70 5.58 0.20
C ASN A 36 -7.98 4.92 -1.16
N ASN A 37 -9.20 4.39 -1.35
CA ASN A 37 -9.63 3.71 -2.58
C ASN A 37 -8.55 2.75 -3.09
N ARG A 38 -7.81 2.14 -2.17
CA ARG A 38 -6.74 1.20 -2.50
C ARG A 38 -7.25 -0.22 -2.33
N THR A 39 -7.87 -0.76 -3.40
CA THR A 39 -8.46 -2.10 -3.36
C THR A 39 -7.50 -3.14 -3.96
N SER A 40 -6.59 -3.65 -3.12
CA SER A 40 -5.62 -4.71 -3.48
C SER A 40 -4.74 -4.34 -4.69
N VAL A 41 -5.32 -4.38 -5.90
CA VAL A 41 -4.59 -4.09 -7.14
C VAL A 41 -3.76 -2.81 -7.01
N MET A 42 -4.35 -1.76 -6.43
CA MET A 42 -3.68 -0.48 -6.27
C MET A 42 -2.46 -0.63 -5.35
N LEU A 43 -2.64 -1.31 -4.21
CA LEU A 43 -1.55 -1.52 -3.26
C LEU A 43 -0.41 -2.26 -3.96
N LYS A 44 -0.75 -3.34 -4.66
CA LYS A 44 0.20 -4.15 -5.39
C LYS A 44 0.91 -3.29 -6.44
N ASP A 45 0.16 -2.44 -7.15
CA ASP A 45 0.71 -1.62 -8.22
C ASP A 45 1.80 -0.70 -7.67
N ARG A 46 1.47 0.15 -6.69
CA ARG A 46 2.44 1.07 -6.12
C ARG A 46 3.63 0.29 -5.57
N TRP A 47 3.36 -0.79 -4.83
CA TRP A 47 4.42 -1.59 -4.25
C TRP A 47 5.37 -2.09 -5.33
N ARG A 48 4.82 -2.65 -6.42
CA ARG A 48 5.63 -3.16 -7.51
C ARG A 48 6.56 -2.07 -8.05
N THR A 49 5.98 -0.93 -8.43
CA THR A 49 6.74 0.19 -8.95
C THR A 49 7.83 0.61 -7.96
N MET A 50 7.48 0.69 -6.68
CA MET A 50 8.41 1.11 -5.65
C MET A 50 9.52 0.07 -5.46
N LYS A 51 9.19 -1.21 -5.68
CA LYS A 51 10.18 -2.27 -5.58
C LYS A 51 11.06 -2.30 -6.84
N LYS A 52 11.10 -1.16 -7.58
CA LYS A 52 11.85 -1.05 -8.82
C LYS A 52 11.42 -2.18 -9.74
N LEU A 53 10.11 -2.43 -9.82
CA LEU A 53 9.56 -3.51 -10.63
C LEU A 53 8.17 -3.14 -11.13
#